data_2AEK
#
_entry.id   2AEK
#
_cell.length_a   122.280
_cell.length_b   122.280
_cell.length_c   151.500
_cell.angle_alpha   90.00
_cell.angle_beta   90.00
_cell.angle_gamma   120.00
#
_symmetry.space_group_name_H-M   'P 31 2 1'
#
loop_
_entity.id
_entity.type
_entity.pdbx_description
1 polymer 'Trichodiene synthase'
2 non-polymer 'MAGNESIUM ION'
3 non-polymer 1,2-ETHANEDIOL
4 water water
#
_entity_poly.entity_id   1
_entity_poly.type   'polypeptide(L)'
_entity_poly.pdbx_seq_one_letter_code
;MENFPTEYFLNTTVRLLEYIRYRDSNYTREERIENLHYAYNKAAHHFAQPRQQQLLKVDPKRLQASLQTIVGMVVYSWAK
VSKECMADLSIHYTYTLVLDDSKDDPYPTMVNYFDDLQAGREQAHPWWALVNEHFPNVLRHFGPFCSLNLIRSTLDFFEG
CWIEQYNFGGFPGSHDYPQFLRRMNGLGHCVGASLWPKEQFNERSLFLEITSAIAQMENWMVWVNDLMSFYKEFDDERDQ
ISLVKNYVVSDEISLHEALEKLTQDTLHSSKQMVAVFSDKDPQVMDTIECFMHGYVTWHLCDRKYRLSEIYEKVKEEKTE
DAQKFCKFYEQAANVGAVSPSEWAYPPVAQLANVRSKDVKEVQKPFLSSIELVE
;
_entity_poly.pdbx_strand_id   A,B
#
loop_
_chem_comp.id
_chem_comp.type
_chem_comp.name
_chem_comp.formula
EDO non-polymer 1,2-ETHANEDIOL 'C2 H6 O2'
MG non-polymer 'MAGNESIUM ION' 'Mg 2'
#
# COMPACT_ATOMS: atom_id res chain seq x y z
N MET A 1 16.95 0.13 -48.50
CA MET A 1 17.09 1.20 -49.53
C MET A 1 17.83 2.43 -48.99
N GLU A 2 19.14 2.52 -49.20
CA GLU A 2 19.89 3.68 -48.71
C GLU A 2 19.54 4.88 -49.56
N ASN A 3 18.79 4.64 -50.63
CA ASN A 3 18.43 5.74 -51.49
C ASN A 3 16.94 5.92 -51.62
N PHE A 4 16.53 7.16 -51.87
CA PHE A 4 15.12 7.48 -52.00
C PHE A 4 14.53 6.86 -53.27
N PRO A 5 13.39 6.15 -53.13
CA PRO A 5 12.68 5.48 -54.23
C PRO A 5 12.19 6.45 -55.31
N THR A 6 13.05 7.40 -55.69
CA THR A 6 12.70 8.41 -56.69
C THR A 6 11.72 7.97 -57.78
N GLU A 7 12.07 6.91 -58.48
CA GLU A 7 11.18 6.41 -59.54
C GLU A 7 9.82 6.04 -58.98
N TYR A 8 9.82 5.06 -58.07
CA TYR A 8 8.61 4.59 -57.43
C TYR A 8 7.74 5.78 -56.96
N PHE A 9 8.39 6.73 -56.30
CA PHE A 9 7.70 7.90 -55.77
C PHE A 9 6.99 8.67 -56.88
N LEU A 10 7.74 9.02 -57.92
CA LEU A 10 7.20 9.76 -59.05
C LEU A 10 5.96 9.07 -59.60
N ASN A 11 6.04 7.75 -59.76
CA ASN A 11 4.94 6.96 -60.29
C ASN A 11 3.63 7.16 -59.52
N THR A 12 3.61 6.69 -58.28
CA THR A 12 2.42 6.79 -57.43
C THR A 12 1.86 8.20 -57.34
N THR A 13 2.75 9.19 -57.28
CA THR A 13 2.30 10.58 -57.20
C THR A 13 1.46 10.95 -58.42
N VAL A 14 1.91 10.50 -59.59
CA VAL A 14 1.20 10.76 -60.84
C VAL A 14 -0.13 10.00 -60.83
N ARG A 15 -0.05 8.73 -60.44
CA ARG A 15 -1.24 7.89 -60.37
C ARG A 15 -2.22 8.53 -59.43
N LEU A 16 -1.72 9.00 -58.29
CA LEU A 16 -2.56 9.67 -57.28
C LEU A 16 -3.24 10.91 -57.88
N LEU A 17 -2.44 11.78 -58.48
CA LEU A 17 -2.97 13.00 -59.08
C LEU A 17 -3.96 12.70 -60.20
N GLU A 18 -3.74 11.61 -60.91
CA GLU A 18 -4.67 11.22 -61.97
C GLU A 18 -5.96 10.75 -61.33
N TYR A 19 -5.85 9.75 -60.46
CA TYR A 19 -7.01 9.21 -59.77
C TYR A 19 -7.94 10.28 -59.20
N ILE A 20 -7.38 11.30 -58.55
CA ILE A 20 -8.23 12.34 -57.96
C ILE A 20 -8.70 13.37 -58.96
N ARG A 21 -8.12 13.35 -60.14
CA ARG A 21 -8.46 14.28 -61.22
C ARG A 21 -7.81 15.65 -61.02
N TYR A 22 -6.54 15.64 -60.62
CA TYR A 22 -5.82 16.89 -60.38
C TYR A 22 -5.83 17.80 -61.61
N ARG A 23 -6.43 18.97 -61.48
CA ARG A 23 -6.50 19.91 -62.59
C ARG A 23 -6.56 21.36 -62.12
N ASP A 24 -6.76 22.27 -63.08
CA ASP A 24 -6.83 23.70 -62.78
C ASP A 24 -8.13 24.08 -62.08
N SER A 25 -8.08 25.13 -61.27
CA SER A 25 -9.25 25.60 -60.53
C SER A 25 -9.55 27.05 -60.89
N ASN A 26 -10.76 27.51 -60.59
CA ASN A 26 -11.13 28.89 -60.85
C ASN A 26 -10.73 29.71 -59.62
N TYR A 27 -9.74 29.16 -58.91
CA TYR A 27 -9.17 29.73 -57.70
C TYR A 27 -7.84 30.38 -58.12
N THR A 28 -7.93 31.60 -58.60
CA THR A 28 -6.77 32.35 -59.10
C THR A 28 -5.71 32.65 -58.04
N ARG A 29 -4.52 33.01 -58.48
CA ARG A 29 -3.46 33.33 -57.56
C ARG A 29 -3.83 34.61 -56.79
N GLU A 30 -4.50 35.54 -57.45
CA GLU A 30 -4.90 36.80 -56.80
C GLU A 30 -5.90 36.51 -55.72
N GLU A 31 -6.67 35.43 -55.90
CA GLU A 31 -7.66 35.04 -54.91
C GLU A 31 -6.91 34.35 -53.76
N ARG A 32 -5.98 33.46 -54.11
CA ARG A 32 -5.20 32.75 -53.12
C ARG A 32 -4.49 33.75 -52.21
N ILE A 33 -3.84 34.74 -52.80
CA ILE A 33 -3.14 35.74 -51.99
C ILE A 33 -4.11 36.55 -51.16
N GLU A 34 -5.27 36.86 -51.72
CA GLU A 34 -6.28 37.62 -50.97
C GLU A 34 -6.53 36.93 -49.63
N ASN A 35 -6.82 35.63 -49.70
CA ASN A 35 -7.10 34.81 -48.54
C ASN A 35 -5.89 34.58 -47.63
N LEU A 36 -4.77 34.15 -48.22
CA LEU A 36 -3.56 33.93 -47.46
C LEU A 36 -3.36 35.09 -46.47
N HIS A 37 -3.35 36.32 -46.98
CA HIS A 37 -3.16 37.48 -46.13
C HIS A 37 -4.27 37.67 -45.11
N TYR A 38 -5.51 37.44 -45.50
CA TYR A 38 -6.60 37.62 -44.56
C TYR A 38 -6.43 36.71 -43.38
N ALA A 39 -6.26 35.43 -43.67
CA ALA A 39 -6.08 34.41 -42.64
C ALA A 39 -4.87 34.76 -41.79
N TYR A 40 -3.70 34.82 -42.44
CA TYR A 40 -2.50 35.13 -41.71
C TYR A 40 -2.65 36.35 -40.81
N ASN A 41 -3.24 37.42 -41.32
CA ASN A 41 -3.38 38.63 -40.52
C ASN A 41 -4.21 38.42 -39.25
N LYS A 42 -5.31 37.69 -39.35
CA LYS A 42 -6.13 37.47 -38.16
C LYS A 42 -5.37 36.61 -37.16
N ALA A 43 -4.81 35.50 -37.64
CA ALA A 43 -4.07 34.58 -36.80
C ALA A 43 -2.90 35.31 -36.13
N ALA A 44 -2.10 35.99 -36.94
CA ALA A 44 -0.94 36.71 -36.43
C ALA A 44 -1.32 37.59 -35.25
N HIS A 45 -2.38 38.37 -35.40
CA HIS A 45 -2.81 39.25 -34.31
C HIS A 45 -3.23 38.43 -33.11
N HIS A 46 -3.77 37.24 -33.38
CA HIS A 46 -4.21 36.38 -32.30
C HIS A 46 -3.05 35.87 -31.49
N PHE A 47 -2.10 35.26 -32.16
CA PHE A 47 -0.94 34.74 -31.46
C PHE A 47 -0.05 35.84 -30.91
N ALA A 48 -0.24 37.06 -31.39
CA ALA A 48 0.59 38.17 -30.91
C ALA A 48 0.07 38.75 -29.60
N GLN A 49 -1.13 38.33 -29.18
CA GLN A 49 -1.69 38.87 -27.94
C GLN A 49 -0.86 38.38 -26.79
N PRO A 50 -0.67 39.22 -25.77
CA PRO A 50 0.12 38.90 -24.58
C PRO A 50 -0.24 37.55 -23.91
N ARG A 51 -1.52 37.30 -23.66
CA ARG A 51 -1.92 36.04 -23.05
C ARG A 51 -1.42 34.88 -23.91
N GLN A 52 -1.80 34.86 -25.18
CA GLN A 52 -1.35 33.77 -26.04
C GLN A 52 0.18 33.72 -25.98
N GLN A 53 0.82 34.89 -26.00
CA GLN A 53 2.27 34.96 -25.97
C GLN A 53 2.86 34.32 -24.72
N GLN A 54 2.19 34.49 -23.58
CA GLN A 54 2.66 33.91 -22.33
C GLN A 54 2.43 32.42 -22.29
N LEU A 55 1.17 32.00 -22.29
CA LEU A 55 0.84 30.60 -22.20
C LEU A 55 1.37 29.65 -23.26
N LEU A 56 1.62 30.14 -24.46
CA LEU A 56 2.10 29.26 -25.52
C LEU A 56 3.63 29.23 -25.58
N LYS A 57 4.25 28.24 -24.95
CA LYS A 57 5.70 28.21 -24.98
C LYS A 57 6.19 27.62 -26.28
N VAL A 58 6.46 28.49 -27.25
CA VAL A 58 6.93 28.08 -28.56
C VAL A 58 8.00 29.05 -29.01
N ASP A 59 8.99 28.57 -29.74
CA ASP A 59 10.02 29.47 -30.23
C ASP A 59 9.42 30.41 -31.28
N PRO A 60 9.64 31.71 -31.14
CA PRO A 60 9.12 32.71 -32.07
C PRO A 60 9.26 32.33 -33.56
N LYS A 61 10.45 31.89 -33.95
CA LYS A 61 10.72 31.49 -35.32
C LYS A 61 9.84 30.33 -35.80
N ARG A 62 9.76 29.27 -35.01
CA ARG A 62 8.94 28.14 -35.41
C ARG A 62 7.47 28.54 -35.44
N LEU A 63 7.06 29.38 -34.50
CA LEU A 63 5.66 29.79 -34.48
C LEU A 63 5.34 30.47 -35.80
N GLN A 64 6.24 31.33 -36.25
CA GLN A 64 6.06 32.04 -37.50
C GLN A 64 6.03 31.02 -38.64
N ALA A 65 6.98 30.10 -38.62
CA ALA A 65 7.06 29.09 -39.67
C ALA A 65 5.83 28.20 -39.67
N SER A 66 5.36 27.86 -38.48
CA SER A 66 4.20 27.01 -38.38
C SER A 66 2.97 27.70 -38.90
N LEU A 67 2.68 28.88 -38.37
CA LEU A 67 1.50 29.66 -38.79
C LEU A 67 1.45 29.74 -40.31
N GLN A 68 2.59 30.07 -40.90
CA GLN A 68 2.66 30.19 -42.35
C GLN A 68 2.34 28.89 -43.08
N THR A 69 2.83 27.78 -42.56
CA THR A 69 2.55 26.52 -43.22
C THR A 69 1.08 26.17 -43.05
N ILE A 70 0.48 26.52 -41.91
CA ILE A 70 -0.90 26.19 -41.67
C ILE A 70 -1.84 27.07 -42.44
N VAL A 71 -1.60 28.38 -42.45
CA VAL A 71 -2.46 29.27 -43.22
C VAL A 71 -2.51 28.74 -44.65
N GLY A 72 -1.33 28.42 -45.18
CA GLY A 72 -1.25 27.88 -46.52
C GLY A 72 -2.09 26.63 -46.67
N MET A 73 -1.89 25.67 -45.78
CA MET A 73 -2.66 24.43 -45.83
C MET A 73 -4.18 24.72 -45.88
N VAL A 74 -4.65 25.59 -45.00
CA VAL A 74 -6.08 25.91 -44.91
C VAL A 74 -6.66 26.63 -46.12
N VAL A 75 -6.00 27.71 -46.53
CA VAL A 75 -6.47 28.52 -47.65
C VAL A 75 -6.46 27.75 -48.97
N TYR A 76 -5.47 26.92 -49.17
CA TYR A 76 -5.41 26.13 -50.39
C TYR A 76 -6.35 24.94 -50.40
N SER A 77 -6.72 24.44 -49.23
CA SER A 77 -7.58 23.25 -49.19
C SER A 77 -9.06 23.48 -48.86
N TRP A 78 -9.35 24.44 -48.00
CA TRP A 78 -10.72 24.74 -47.63
C TRP A 78 -11.24 25.83 -48.56
N ALA A 79 -10.86 25.69 -49.84
CA ALA A 79 -11.19 26.63 -50.90
C ALA A 79 -12.59 27.25 -50.91
N LYS A 80 -13.62 26.48 -50.59
CA LYS A 80 -14.98 27.00 -50.64
C LYS A 80 -15.53 27.63 -49.36
N VAL A 81 -14.76 27.67 -48.27
CA VAL A 81 -15.33 28.28 -47.06
C VAL A 81 -15.03 29.76 -47.02
N SER A 82 -15.64 30.46 -46.07
CA SER A 82 -15.45 31.91 -45.98
C SER A 82 -14.06 32.33 -45.51
N LYS A 83 -13.76 33.61 -45.67
CA LYS A 83 -12.47 34.12 -45.25
C LYS A 83 -12.33 33.91 -43.74
N GLU A 84 -13.31 34.36 -42.98
CA GLU A 84 -13.29 34.19 -41.54
C GLU A 84 -13.10 32.72 -41.14
N CYS A 85 -13.77 31.83 -41.85
CA CYS A 85 -13.64 30.40 -41.57
C CYS A 85 -12.20 29.94 -41.79
N MET A 86 -11.58 30.37 -42.89
CA MET A 86 -10.20 29.98 -43.19
C MET A 86 -9.30 30.45 -42.05
N ALA A 87 -9.52 31.69 -41.61
CA ALA A 87 -8.76 32.28 -40.52
C ALA A 87 -8.89 31.44 -39.27
N ASP A 88 -10.10 31.38 -38.73
CA ASP A 88 -10.31 30.60 -37.52
C ASP A 88 -9.78 29.17 -37.60
N LEU A 89 -9.98 28.49 -38.71
CA LEU A 89 -9.44 27.14 -38.82
C LEU A 89 -7.92 27.24 -38.79
N SER A 90 -7.40 28.34 -39.33
CA SER A 90 -5.95 28.54 -39.35
C SER A 90 -5.40 28.65 -37.94
N ILE A 91 -6.12 29.33 -37.07
CA ILE A 91 -5.66 29.47 -35.69
C ILE A 91 -5.68 28.12 -35.01
N HIS A 92 -6.78 27.38 -35.16
CA HIS A 92 -6.93 26.07 -34.54
C HIS A 92 -5.88 25.08 -34.99
N TYR A 93 -5.69 24.97 -36.30
CA TYR A 93 -4.71 24.02 -36.79
C TYR A 93 -3.29 24.48 -36.49
N THR A 94 -3.11 25.76 -36.19
CA THR A 94 -1.77 26.22 -35.85
C THR A 94 -1.51 25.78 -34.40
N TYR A 95 -2.52 25.84 -33.55
CA TYR A 95 -2.35 25.39 -32.17
C TYR A 95 -1.96 23.93 -32.20
N THR A 96 -2.71 23.12 -32.94
CA THR A 96 -2.39 21.70 -33.00
C THR A 96 -0.97 21.49 -33.49
N LEU A 97 -0.57 22.18 -34.53
CA LEU A 97 0.78 21.98 -35.05
C LEU A 97 1.81 22.34 -33.99
N VAL A 98 1.55 23.40 -33.27
CA VAL A 98 2.46 23.84 -32.22
C VAL A 98 2.63 22.82 -31.09
N LEU A 99 1.57 22.06 -30.76
CA LEU A 99 1.66 21.07 -29.69
C LEU A 99 2.64 19.94 -29.96
N ASP A 100 2.86 19.63 -31.23
CA ASP A 100 3.78 18.56 -31.59
C ASP A 100 5.21 19.02 -31.27
N ASP A 101 5.34 20.22 -30.71
CA ASP A 101 6.64 20.77 -30.37
C ASP A 101 6.98 20.57 -28.91
N SER A 102 5.96 20.36 -28.08
CA SER A 102 6.22 20.18 -26.65
C SER A 102 6.82 18.82 -26.32
N LYS A 103 7.81 18.87 -25.43
CA LYS A 103 8.52 17.71 -24.96
C LYS A 103 7.93 17.43 -23.57
N ASP A 104 7.27 18.46 -23.02
CA ASP A 104 6.62 18.42 -21.71
C ASP A 104 5.58 17.35 -21.47
N ASP A 105 5.79 16.63 -20.38
CA ASP A 105 4.91 15.56 -19.96
C ASP A 105 3.51 16.10 -19.61
N PRO A 106 2.48 15.62 -20.31
CA PRO A 106 1.10 16.04 -20.08
C PRO A 106 0.59 15.60 -18.71
N TYR A 107 0.97 14.39 -18.32
CA TYR A 107 0.56 13.76 -17.07
C TYR A 107 0.18 14.66 -15.86
N PRO A 108 1.16 15.36 -15.30
CA PRO A 108 0.80 16.21 -14.17
C PRO A 108 -0.33 17.21 -14.41
N THR A 109 -0.46 17.73 -15.63
CA THR A 109 -1.51 18.72 -15.90
C THR A 109 -2.82 18.09 -16.28
N MET A 110 -2.80 16.79 -16.54
CA MET A 110 -4.03 16.06 -16.92
C MET A 110 -4.68 15.35 -15.75
N VAL A 111 -4.05 15.40 -14.59
CA VAL A 111 -4.57 14.73 -13.41
C VAL A 111 -5.98 15.11 -12.99
N ASN A 112 -6.35 16.36 -13.19
CA ASN A 112 -7.69 16.83 -12.82
C ASN A 112 -8.45 17.34 -14.02
N TYR A 113 -8.09 16.81 -15.18
CA TYR A 113 -8.72 17.20 -16.42
C TYR A 113 -10.24 17.17 -16.38
N PHE A 114 -10.82 15.99 -16.17
CA PHE A 114 -12.28 15.88 -16.15
C PHE A 114 -12.99 16.67 -15.05
N ASP A 115 -12.44 16.72 -13.85
CA ASP A 115 -13.12 17.46 -12.79
C ASP A 115 -13.14 18.94 -13.07
N ASP A 116 -12.06 19.47 -13.62
CA ASP A 116 -12.01 20.88 -13.94
C ASP A 116 -12.98 21.11 -15.10
N LEU A 117 -12.96 20.21 -16.08
CA LEU A 117 -13.81 20.33 -17.24
C LEU A 117 -15.26 20.44 -16.86
N GLN A 118 -15.73 19.51 -16.04
CA GLN A 118 -17.11 19.50 -15.62
C GLN A 118 -17.45 20.70 -14.74
N ALA A 119 -16.48 21.21 -14.00
CA ALA A 119 -16.70 22.34 -13.10
C ALA A 119 -16.57 23.69 -13.77
N GLY A 120 -16.09 23.69 -15.00
CA GLY A 120 -15.91 24.94 -15.71
C GLY A 120 -14.67 25.72 -15.28
N ARG A 121 -13.68 25.04 -14.70
CA ARG A 121 -12.43 25.69 -14.27
C ARG A 121 -11.43 25.63 -15.40
N GLU A 122 -10.66 26.69 -15.58
CA GLU A 122 -9.66 26.70 -16.64
C GLU A 122 -8.78 25.46 -16.46
N GLN A 123 -8.46 24.79 -17.57
CA GLN A 123 -7.61 23.62 -17.54
C GLN A 123 -6.22 23.96 -17.04
N ALA A 124 -5.53 22.97 -16.49
CA ALA A 124 -4.19 23.14 -15.96
C ALA A 124 -3.16 23.24 -17.09
N HIS A 125 -3.31 22.38 -18.10
CA HIS A 125 -2.40 22.39 -19.23
C HIS A 125 -2.67 23.66 -20.05
N PRO A 126 -1.71 24.58 -20.11
CA PRO A 126 -1.85 25.83 -20.86
C PRO A 126 -2.40 25.72 -22.27
N TRP A 127 -2.01 24.66 -22.99
CA TRP A 127 -2.50 24.43 -24.33
C TRP A 127 -4.03 24.35 -24.25
N TRP A 128 -4.55 23.40 -23.50
CA TRP A 128 -6.01 23.27 -23.39
C TRP A 128 -6.60 24.62 -23.02
N ALA A 129 -5.97 25.30 -22.07
CA ALA A 129 -6.47 26.59 -21.62
C ALA A 129 -6.70 27.54 -22.81
N LEU A 130 -5.71 27.64 -23.70
CA LEU A 130 -5.83 28.49 -24.86
C LEU A 130 -6.82 27.95 -25.86
N VAL A 131 -6.56 26.74 -26.36
CA VAL A 131 -7.44 26.10 -27.33
C VAL A 131 -8.93 26.12 -26.96
N ASN A 132 -9.27 25.71 -25.74
CA ASN A 132 -10.68 25.67 -25.35
C ASN A 132 -11.31 27.05 -25.24
N GLU A 133 -10.47 28.04 -24.99
CA GLU A 133 -10.93 29.41 -24.88
C GLU A 133 -11.23 29.89 -26.30
N HIS A 134 -10.35 29.49 -27.22
CA HIS A 134 -10.51 29.88 -28.59
C HIS A 134 -11.54 29.08 -29.37
N PHE A 135 -11.70 27.82 -29.01
CA PHE A 135 -12.60 26.94 -29.72
C PHE A 135 -13.93 27.49 -30.27
N PRO A 136 -14.66 28.30 -29.48
CA PRO A 136 -15.93 28.83 -29.97
C PRO A 136 -15.84 29.58 -31.31
N ASN A 137 -14.73 30.26 -31.54
CA ASN A 137 -14.54 30.99 -32.79
C ASN A 137 -14.51 30.04 -33.97
N VAL A 138 -14.12 28.79 -33.74
CA VAL A 138 -14.09 27.81 -34.80
C VAL A 138 -15.48 27.19 -34.85
N LEU A 139 -15.90 26.65 -33.72
CA LEU A 139 -17.20 25.99 -33.64
C LEU A 139 -18.41 26.77 -34.12
N ARG A 140 -18.35 28.09 -34.07
CA ARG A 140 -19.49 28.90 -34.51
C ARG A 140 -19.86 28.67 -35.98
N HIS A 141 -18.88 28.30 -36.80
CA HIS A 141 -19.13 28.06 -38.21
C HIS A 141 -19.83 26.73 -38.49
N PHE A 142 -20.00 25.88 -37.49
CA PHE A 142 -20.61 24.59 -37.80
C PHE A 142 -21.81 24.21 -36.99
N GLY A 143 -22.51 23.20 -37.48
CA GLY A 143 -23.69 22.70 -36.80
C GLY A 143 -23.24 21.82 -35.64
N PRO A 144 -24.17 21.32 -34.82
CA PRO A 144 -23.77 20.49 -33.68
C PRO A 144 -23.07 19.20 -34.03
N PHE A 145 -23.49 18.51 -35.07
CA PHE A 145 -22.84 17.25 -35.44
C PHE A 145 -21.40 17.47 -35.88
N CYS A 146 -21.18 18.39 -36.81
CA CYS A 146 -19.84 18.67 -37.27
C CYS A 146 -19.01 19.17 -36.10
N SER A 147 -19.60 19.98 -35.25
CA SER A 147 -18.88 20.50 -34.08
C SER A 147 -18.39 19.37 -33.17
N LEU A 148 -19.25 18.40 -32.90
CA LEU A 148 -18.88 17.28 -32.06
C LEU A 148 -17.66 16.59 -32.67
N ASN A 149 -17.65 16.47 -33.99
CA ASN A 149 -16.52 15.82 -34.66
C ASN A 149 -15.24 16.63 -34.44
N LEU A 150 -15.29 17.95 -34.56
CA LEU A 150 -14.10 18.76 -34.36
C LEU A 150 -13.59 18.57 -32.93
N ILE A 151 -14.51 18.66 -31.97
CA ILE A 151 -14.14 18.48 -30.58
C ILE A 151 -13.44 17.16 -30.31
N ARG A 152 -14.06 16.05 -30.71
CA ARG A 152 -13.45 14.74 -30.49
C ARG A 152 -12.07 14.65 -31.12
N SER A 153 -11.97 14.84 -32.42
CA SER A 153 -10.68 14.75 -33.10
C SER A 153 -9.57 15.54 -32.40
N THR A 154 -9.89 16.76 -31.92
CA THR A 154 -8.87 17.55 -31.24
C THR A 154 -8.44 16.86 -29.93
N LEU A 155 -9.41 16.28 -29.22
CA LEU A 155 -9.16 15.56 -27.98
C LEU A 155 -8.30 14.33 -28.30
N ASP A 156 -8.68 13.63 -29.36
CA ASP A 156 -7.94 12.47 -29.82
C ASP A 156 -6.50 12.93 -30.09
N PHE A 157 -6.37 14.06 -30.77
CA PHE A 157 -5.07 14.60 -31.12
C PHE A 157 -4.20 14.84 -29.89
N PHE A 158 -4.79 15.39 -28.85
CA PHE A 158 -4.06 15.66 -27.63
C PHE A 158 -3.44 14.38 -27.07
N GLU A 159 -4.20 13.29 -27.09
CA GLU A 159 -3.70 12.01 -26.60
C GLU A 159 -2.60 11.53 -27.54
N GLY A 160 -2.83 11.69 -28.84
CA GLY A 160 -1.85 11.27 -29.81
C GLY A 160 -0.49 11.90 -29.53
N CYS A 161 -0.48 13.20 -29.26
CA CYS A 161 0.77 13.89 -28.99
C CYS A 161 1.42 13.31 -27.75
N TRP A 162 0.58 13.04 -26.75
CA TRP A 162 1.03 12.46 -25.50
C TRP A 162 1.79 11.17 -25.81
N ILE A 163 1.14 10.27 -26.56
CA ILE A 163 1.75 8.99 -26.91
C ILE A 163 3.02 9.19 -27.72
N GLU A 164 2.97 10.14 -28.65
CA GLU A 164 4.13 10.38 -29.49
C GLU A 164 5.33 10.79 -28.68
N GLN A 165 5.09 11.35 -27.50
CA GLN A 165 6.19 11.78 -26.66
C GLN A 165 7.09 10.62 -26.26
N TYR A 166 6.61 9.40 -26.40
CA TYR A 166 7.43 8.24 -26.04
C TYR A 166 8.22 7.68 -27.21
N ASN A 167 8.13 8.31 -28.38
CA ASN A 167 8.86 7.82 -29.54
C ASN A 167 8.78 6.31 -29.65
N PHE A 168 7.59 5.77 -29.49
CA PHE A 168 7.35 4.31 -29.56
C PHE A 168 6.78 3.89 -30.93
N GLY A 169 7.53 3.04 -31.63
CA GLY A 169 7.06 2.59 -32.93
C GLY A 169 6.20 1.34 -32.85
N GLY A 170 5.82 0.95 -31.63
CA GLY A 170 5.00 -0.23 -31.43
C GLY A 170 5.82 -1.48 -31.19
N PHE A 171 5.24 -2.45 -30.47
CA PHE A 171 5.93 -3.69 -30.18
C PHE A 171 5.86 -4.55 -31.42
N PRO A 172 6.96 -5.25 -31.75
CA PRO A 172 6.95 -6.10 -32.94
C PRO A 172 5.80 -7.08 -32.82
N GLY A 173 4.96 -7.14 -33.86
CA GLY A 173 3.83 -8.05 -33.84
C GLY A 173 2.52 -7.35 -33.49
N SER A 174 2.63 -6.10 -33.05
CA SER A 174 1.45 -5.31 -32.68
C SER A 174 0.91 -4.64 -33.94
N HIS A 175 0.38 -5.44 -34.85
CA HIS A 175 -0.13 -4.91 -36.12
C HIS A 175 -1.15 -3.78 -36.04
N ASP A 176 -1.97 -3.78 -34.99
CA ASP A 176 -2.96 -2.74 -34.87
C ASP A 176 -2.40 -1.39 -34.40
N TYR A 177 -1.17 -1.37 -33.91
CA TYR A 177 -0.60 -0.14 -33.40
C TYR A 177 -0.42 1.03 -34.35
N PRO A 178 0.27 0.81 -35.48
CA PRO A 178 0.53 1.86 -36.46
C PRO A 178 -0.68 2.72 -36.84
N GLN A 179 -1.73 2.11 -37.37
CA GLN A 179 -2.88 2.88 -37.76
C GLN A 179 -3.64 3.46 -36.58
N PHE A 180 -3.52 2.79 -35.43
CA PHE A 180 -4.17 3.22 -34.20
C PHE A 180 -3.63 4.60 -33.85
N LEU A 181 -2.31 4.72 -33.90
CA LEU A 181 -1.63 5.96 -33.58
C LEU A 181 -1.84 7.01 -34.63
N ARG A 182 -1.72 6.62 -35.89
CA ARG A 182 -1.89 7.58 -36.97
C ARG A 182 -3.26 8.24 -36.90
N ARG A 183 -4.30 7.46 -36.68
CA ARG A 183 -5.62 8.04 -36.58
C ARG A 183 -5.69 8.91 -35.34
N MET A 184 -5.01 8.49 -34.28
CA MET A 184 -5.04 9.26 -33.04
C MET A 184 -4.56 10.69 -33.21
N ASN A 185 -3.57 10.91 -34.05
CA ASN A 185 -3.06 12.28 -34.23
C ASN A 185 -3.19 12.84 -35.64
N GLY A 186 -4.05 12.23 -36.46
CA GLY A 186 -4.24 12.68 -37.82
C GLY A 186 -5.26 13.80 -37.96
N LEU A 187 -6.05 14.02 -36.92
CA LEU A 187 -7.08 15.07 -36.95
C LEU A 187 -8.03 14.82 -38.10
N GLY A 188 -8.08 13.58 -38.57
CA GLY A 188 -8.94 13.23 -39.67
C GLY A 188 -10.37 13.68 -39.50
N HIS A 189 -10.97 13.41 -38.35
CA HIS A 189 -12.35 13.82 -38.16
C HIS A 189 -12.52 15.31 -38.01
N CYS A 190 -11.44 15.99 -37.66
CA CYS A 190 -11.47 17.43 -37.48
C CYS A 190 -11.52 18.06 -38.86
N VAL A 191 -10.60 17.61 -39.71
CA VAL A 191 -10.53 18.09 -41.07
C VAL A 191 -11.85 17.79 -41.76
N GLY A 192 -12.21 16.50 -41.75
CA GLY A 192 -13.43 16.05 -42.39
C GLY A 192 -14.69 16.81 -42.07
N ALA A 193 -14.88 17.16 -40.81
CA ALA A 193 -16.10 17.87 -40.46
C ALA A 193 -15.99 19.38 -40.67
N SER A 194 -14.77 19.92 -40.64
CA SER A 194 -14.61 21.36 -40.82
C SER A 194 -14.82 21.81 -42.26
N LEU A 195 -15.00 20.85 -43.16
CA LEU A 195 -15.24 21.14 -44.58
C LEU A 195 -16.70 21.54 -44.85
N TRP A 196 -17.57 21.45 -43.84
CA TRP A 196 -18.97 21.76 -44.03
C TRP A 196 -19.60 22.82 -43.16
N PRO A 197 -19.24 24.09 -43.37
CA PRO A 197 -19.77 25.21 -42.59
C PRO A 197 -21.30 25.22 -42.70
N LYS A 198 -21.99 25.51 -41.61
CA LYS A 198 -23.45 25.51 -41.68
C LYS A 198 -23.95 26.64 -42.56
N GLU A 199 -23.08 27.58 -42.88
CA GLU A 199 -23.46 28.72 -43.69
C GLU A 199 -23.77 28.29 -45.13
N GLN A 200 -23.09 27.26 -45.61
CA GLN A 200 -23.33 26.78 -46.97
C GLN A 200 -23.70 25.31 -47.05
N PHE A 201 -23.95 24.69 -45.91
CA PHE A 201 -24.34 23.29 -45.91
C PHE A 201 -25.30 22.96 -44.80
N ASN A 202 -26.28 22.10 -45.11
CA ASN A 202 -27.25 21.69 -44.10
C ASN A 202 -26.86 20.32 -43.56
N GLU A 203 -26.29 20.37 -42.36
CA GLU A 203 -25.81 19.20 -41.64
C GLU A 203 -26.87 18.11 -41.53
N ARG A 204 -28.12 18.49 -41.34
CA ARG A 204 -29.21 17.53 -41.21
C ARG A 204 -29.61 16.96 -42.57
N SER A 205 -29.72 17.82 -43.57
CA SER A 205 -30.10 17.40 -44.91
C SER A 205 -29.02 16.57 -45.57
N LEU A 206 -27.76 16.90 -45.29
CA LEU A 206 -26.64 16.16 -45.87
C LEU A 206 -25.92 15.27 -44.87
N PHE A 207 -26.61 14.94 -43.77
CA PHE A 207 -26.04 14.12 -42.72
C PHE A 207 -25.29 12.86 -43.21
N LEU A 208 -25.93 12.10 -44.08
CA LEU A 208 -25.31 10.88 -44.58
C LEU A 208 -24.09 11.12 -45.46
N GLU A 209 -24.12 12.15 -46.29
CA GLU A 209 -22.97 12.41 -47.13
C GLU A 209 -21.83 12.94 -46.27
N ILE A 210 -22.14 13.87 -45.36
CA ILE A 210 -21.13 14.43 -44.48
C ILE A 210 -20.45 13.31 -43.69
N THR A 211 -21.28 12.46 -43.06
CA THR A 211 -20.75 11.35 -42.29
C THR A 211 -19.81 10.51 -43.15
N SER A 212 -20.28 10.14 -44.34
CA SER A 212 -19.46 9.32 -45.26
C SER A 212 -18.18 10.07 -45.64
N ALA A 213 -18.31 11.38 -45.80
CA ALA A 213 -17.18 12.19 -46.16
C ALA A 213 -16.15 12.12 -45.02
N ILE A 214 -16.61 12.32 -43.79
CA ILE A 214 -15.70 12.25 -42.66
C ILE A 214 -15.00 10.88 -42.67
N ALA A 215 -15.79 9.81 -42.71
CA ALA A 215 -15.23 8.47 -42.68
C ALA A 215 -14.17 8.20 -43.73
N GLN A 216 -14.44 8.60 -44.97
CA GLN A 216 -13.49 8.38 -46.05
C GLN A 216 -12.35 9.41 -46.10
N MET A 217 -12.70 10.67 -45.86
CA MET A 217 -11.70 11.71 -45.89
C MET A 217 -10.59 11.47 -44.84
N GLU A 218 -10.98 11.02 -43.64
CA GLU A 218 -10.01 10.76 -42.58
C GLU A 218 -8.76 9.98 -43.05
N ASN A 219 -8.97 8.86 -43.74
CA ASN A 219 -7.83 8.07 -44.20
C ASN A 219 -7.11 8.66 -45.40
N TRP A 220 -7.85 9.29 -46.30
CA TRP A 220 -7.22 9.87 -47.48
C TRP A 220 -6.23 10.95 -47.06
N MET A 221 -6.76 11.89 -46.29
CA MET A 221 -5.97 13.00 -45.82
C MET A 221 -4.67 12.58 -45.14
N VAL A 222 -4.75 11.66 -44.17
CA VAL A 222 -3.52 11.24 -43.50
C VAL A 222 -2.55 10.47 -44.38
N TRP A 223 -3.05 9.52 -45.17
CA TRP A 223 -2.16 8.75 -46.04
C TRP A 223 -1.51 9.62 -47.11
N VAL A 224 -2.27 10.56 -47.68
CA VAL A 224 -1.68 11.43 -48.68
C VAL A 224 -0.56 12.22 -48.00
N ASN A 225 -0.80 12.65 -46.77
CA ASN A 225 0.22 13.40 -46.03
C ASN A 225 1.44 12.52 -45.74
N ASP A 226 1.20 11.29 -45.28
CA ASP A 226 2.30 10.37 -45.00
C ASP A 226 3.15 10.17 -46.25
N LEU A 227 2.49 10.01 -47.40
CA LEU A 227 3.20 9.82 -48.66
C LEU A 227 4.02 11.03 -49.02
N MET A 228 3.35 12.18 -49.16
CA MET A 228 4.03 13.41 -49.50
C MET A 228 5.15 13.74 -48.52
N SER A 229 5.04 13.25 -47.29
CA SER A 229 6.05 13.52 -46.28
C SER A 229 7.19 12.52 -46.32
N PHE A 230 6.98 11.40 -46.99
CA PHE A 230 7.99 10.34 -47.06
C PHE A 230 9.35 10.82 -47.52
N TYR A 231 9.37 11.82 -48.40
CA TYR A 231 10.63 12.32 -48.92
C TYR A 231 11.45 13.09 -47.88
N LYS A 232 10.85 14.09 -47.25
CA LYS A 232 11.59 14.86 -46.26
C LYS A 232 12.06 13.99 -45.11
N GLU A 233 11.18 13.10 -44.65
CA GLU A 233 11.50 12.21 -43.54
C GLU A 233 12.50 11.08 -43.82
N PHE A 234 12.83 10.85 -45.08
CA PHE A 234 13.72 9.76 -45.42
C PHE A 234 15.07 9.77 -44.71
N ASP A 235 15.83 10.85 -44.86
CA ASP A 235 17.13 10.92 -44.22
C ASP A 235 17.08 11.74 -42.94
N ASP A 236 15.93 11.77 -42.27
CA ASP A 236 15.82 12.55 -41.04
C ASP A 236 15.95 11.73 -39.75
N GLU A 237 17.20 11.44 -39.37
CA GLU A 237 17.46 10.66 -38.17
C GLU A 237 16.78 11.26 -36.94
N ARG A 238 16.29 12.49 -37.07
CA ARG A 238 15.60 13.14 -35.96
C ARG A 238 14.19 12.63 -35.81
N ASP A 239 13.51 12.37 -36.92
CA ASP A 239 12.14 11.84 -36.87
C ASP A 239 12.27 10.32 -36.78
N GLN A 240 11.93 9.75 -35.63
CA GLN A 240 12.05 8.31 -35.41
C GLN A 240 10.79 7.48 -35.64
N ILE A 241 9.62 8.09 -35.45
CA ILE A 241 8.37 7.39 -35.64
C ILE A 241 7.49 8.06 -36.71
N SER A 242 6.76 7.22 -37.44
CA SER A 242 5.86 7.65 -38.50
C SER A 242 5.08 6.42 -38.97
N LEU A 243 3.92 6.62 -39.58
CA LEU A 243 3.12 5.50 -40.06
C LEU A 243 3.96 4.48 -40.80
N VAL A 244 4.81 4.93 -41.69
CA VAL A 244 5.63 3.98 -42.44
C VAL A 244 6.68 3.32 -41.56
N LYS A 245 7.45 4.12 -40.82
CA LYS A 245 8.51 3.57 -39.97
C LYS A 245 7.93 2.60 -38.94
N ASN A 246 6.71 2.88 -38.51
CA ASN A 246 6.03 2.04 -37.53
C ASN A 246 5.52 0.75 -38.14
N TYR A 247 5.13 0.78 -39.41
CA TYR A 247 4.68 -0.44 -40.07
C TYR A 247 5.88 -1.37 -40.02
N VAL A 248 7.03 -0.82 -40.41
CA VAL A 248 8.28 -1.54 -40.41
C VAL A 248 8.54 -2.24 -39.07
N VAL A 249 8.56 -1.47 -38.00
CA VAL A 249 8.79 -2.01 -36.66
C VAL A 249 7.72 -2.96 -36.16
N SER A 250 6.46 -2.53 -36.26
CA SER A 250 5.32 -3.32 -35.78
C SER A 250 4.94 -4.51 -36.64
N ASP A 251 5.00 -4.36 -37.95
CA ASP A 251 4.65 -5.45 -38.87
C ASP A 251 5.84 -6.34 -39.17
N GLU A 252 7.04 -5.85 -38.88
CA GLU A 252 8.27 -6.59 -39.13
C GLU A 252 8.43 -6.83 -40.64
N ILE A 253 8.39 -5.73 -41.38
CA ILE A 253 8.53 -5.82 -42.82
C ILE A 253 9.59 -4.81 -43.24
N SER A 254 10.00 -4.86 -44.50
CA SER A 254 11.01 -3.96 -45.01
C SER A 254 10.40 -2.60 -45.24
N LEU A 255 11.24 -1.59 -45.35
CA LEU A 255 10.78 -0.24 -45.58
C LEU A 255 10.05 -0.22 -46.92
N HIS A 256 10.54 -1.05 -47.84
CA HIS A 256 9.92 -1.16 -49.17
C HIS A 256 8.50 -1.67 -48.98
N GLU A 257 8.35 -2.76 -48.22
CA GLU A 257 7.04 -3.35 -47.98
C GLU A 257 6.12 -2.33 -47.33
N ALA A 258 6.64 -1.61 -46.34
CA ALA A 258 5.85 -0.61 -45.64
C ALA A 258 5.39 0.48 -46.60
N LEU A 259 6.34 1.05 -47.34
CA LEU A 259 6.01 2.10 -48.31
C LEU A 259 5.01 1.54 -49.31
N GLU A 260 5.14 0.26 -49.60
CA GLU A 260 4.26 -0.43 -50.53
C GLU A 260 2.84 -0.29 -50.00
N LYS A 261 2.63 -0.85 -48.81
CA LYS A 261 1.34 -0.83 -48.12
C LYS A 261 0.69 0.55 -48.18
N LEU A 262 1.45 1.59 -47.80
CA LEU A 262 0.93 2.95 -47.80
C LEU A 262 0.35 3.32 -49.15
N THR A 263 1.12 3.05 -50.20
CA THR A 263 0.69 3.36 -51.57
C THR A 263 -0.63 2.68 -51.94
N GLN A 264 -0.76 1.38 -51.66
CA GLN A 264 -1.99 0.69 -51.98
C GLN A 264 -3.19 1.35 -51.30
N ASP A 265 -3.04 1.67 -50.02
CA ASP A 265 -4.11 2.35 -49.29
C ASP A 265 -4.44 3.69 -49.93
N THR A 266 -3.41 4.52 -50.11
CA THR A 266 -3.59 5.84 -50.69
C THR A 266 -4.35 5.83 -52.01
N LEU A 267 -3.89 5.00 -52.94
CA LEU A 267 -4.53 4.90 -54.24
C LEU A 267 -5.94 4.32 -54.13
N HIS A 268 -6.09 3.20 -53.43
CA HIS A 268 -7.42 2.62 -53.28
C HIS A 268 -8.35 3.69 -52.67
N SER A 269 -7.83 4.43 -51.69
CA SER A 269 -8.61 5.48 -51.02
C SER A 269 -9.06 6.52 -52.03
N SER A 270 -8.14 6.90 -52.92
CA SER A 270 -8.45 7.89 -53.94
C SER A 270 -9.53 7.35 -54.87
N LYS A 271 -9.31 6.16 -55.43
CA LYS A 271 -10.28 5.58 -56.35
C LYS A 271 -11.67 5.56 -55.74
N GLN A 272 -11.79 5.07 -54.50
CA GLN A 272 -13.09 5.00 -53.83
C GLN A 272 -13.69 6.34 -53.46
N MET A 273 -12.84 7.35 -53.30
CA MET A 273 -13.32 8.68 -52.95
C MET A 273 -14.15 9.21 -54.10
N VAL A 274 -13.60 9.10 -55.30
CA VAL A 274 -14.29 9.56 -56.50
C VAL A 274 -15.51 8.68 -56.75
N ALA A 275 -15.31 7.36 -56.76
CA ALA A 275 -16.41 6.44 -56.98
C ALA A 275 -17.67 6.82 -56.17
N VAL A 276 -17.48 7.13 -54.90
CA VAL A 276 -18.60 7.44 -54.03
C VAL A 276 -19.23 8.81 -54.15
N PHE A 277 -18.43 9.86 -54.28
CA PHE A 277 -19.00 11.19 -54.32
C PHE A 277 -19.29 11.84 -55.67
N SER A 278 -18.84 11.21 -56.76
CA SER A 278 -19.09 11.74 -58.09
C SER A 278 -20.57 12.03 -58.30
N ASP A 279 -21.39 10.99 -58.18
CA ASP A 279 -22.83 11.10 -58.37
C ASP A 279 -23.63 11.64 -57.18
N LYS A 280 -22.97 12.32 -56.25
CA LYS A 280 -23.70 12.85 -55.10
C LYS A 280 -23.94 14.35 -55.26
N ASP A 281 -24.50 14.98 -54.22
CA ASP A 281 -24.77 16.41 -54.27
C ASP A 281 -23.56 17.13 -54.87
N PRO A 282 -23.76 17.85 -55.97
CA PRO A 282 -22.69 18.58 -56.66
C PRO A 282 -21.86 19.49 -55.77
N GLN A 283 -22.51 20.18 -54.83
CA GLN A 283 -21.79 21.07 -53.93
C GLN A 283 -20.82 20.27 -53.04
N VAL A 284 -21.27 19.09 -52.63
CA VAL A 284 -20.47 18.20 -51.81
C VAL A 284 -19.25 17.76 -52.61
N MET A 285 -19.51 17.18 -53.78
CA MET A 285 -18.44 16.70 -54.64
C MET A 285 -17.44 17.82 -54.91
N ASP A 286 -17.95 19.05 -54.99
CA ASP A 286 -17.11 20.19 -55.26
C ASP A 286 -16.16 20.48 -54.08
N THR A 287 -16.71 20.60 -52.87
CA THR A 287 -15.88 20.86 -51.70
C THR A 287 -14.83 19.76 -51.58
N ILE A 288 -15.27 18.52 -51.72
CA ILE A 288 -14.37 17.38 -51.63
C ILE A 288 -13.27 17.42 -52.68
N GLU A 289 -13.64 17.62 -53.94
CA GLU A 289 -12.63 17.64 -54.98
C GLU A 289 -11.63 18.75 -54.75
N CYS A 290 -12.12 19.92 -54.36
CA CYS A 290 -11.22 21.04 -54.10
C CYS A 290 -10.23 20.73 -52.98
N PHE A 291 -10.74 20.17 -51.87
CA PHE A 291 -9.86 19.83 -50.75
C PHE A 291 -8.72 18.90 -51.19
N MET A 292 -9.07 17.84 -51.92
CA MET A 292 -8.05 16.89 -52.38
C MET A 292 -7.01 17.60 -53.23
N HIS A 293 -7.49 18.41 -54.16
CA HIS A 293 -6.59 19.10 -55.05
C HIS A 293 -5.75 20.11 -54.28
N GLY A 294 -6.42 20.95 -53.50
CA GLY A 294 -5.72 21.96 -52.71
C GLY A 294 -4.66 21.36 -51.81
N TYR A 295 -5.05 20.30 -51.11
CA TYR A 295 -4.17 19.59 -50.19
C TYR A 295 -2.92 19.14 -50.93
N VAL A 296 -3.06 18.69 -52.17
CA VAL A 296 -1.92 18.23 -52.94
C VAL A 296 -1.05 19.41 -53.42
N THR A 297 -1.71 20.48 -53.85
CA THR A 297 -1.01 21.67 -54.29
C THR A 297 -0.11 22.12 -53.14
N TRP A 298 -0.74 22.28 -51.98
CA TRP A 298 -0.05 22.72 -50.76
C TRP A 298 1.23 21.93 -50.51
N HIS A 299 1.13 20.60 -50.49
CA HIS A 299 2.31 19.76 -50.26
C HIS A 299 3.40 20.03 -51.30
N LEU A 300 2.99 20.17 -52.55
CA LEU A 300 3.91 20.43 -53.62
C LEU A 300 4.57 21.80 -53.57
N CYS A 301 3.88 22.77 -52.98
CA CYS A 301 4.42 24.12 -52.92
C CYS A 301 5.08 24.56 -51.63
N ASP A 302 4.60 24.07 -50.48
CA ASP A 302 5.19 24.46 -49.20
C ASP A 302 6.59 23.87 -49.02
N ARG A 303 7.54 24.71 -48.65
CA ARG A 303 8.93 24.34 -48.48
C ARG A 303 9.08 23.22 -47.48
N LYS A 304 8.24 23.15 -46.47
CA LYS A 304 8.34 22.10 -45.46
C LYS A 304 8.59 20.71 -46.05
N TYR A 305 7.81 20.38 -47.09
CA TYR A 305 7.92 19.07 -47.70
C TYR A 305 9.03 18.93 -48.73
N ARG A 306 9.68 20.05 -49.04
CA ARG A 306 10.82 20.10 -49.96
C ARG A 306 10.68 19.34 -51.27
N LEU A 307 9.46 19.23 -51.79
CA LEU A 307 9.26 18.50 -53.02
C LEU A 307 9.94 19.16 -54.22
N SER A 308 10.23 20.45 -54.11
CA SER A 308 10.89 21.15 -55.20
C SER A 308 12.19 20.42 -55.54
N GLU A 309 12.86 19.89 -54.52
CA GLU A 309 14.11 19.16 -54.74
C GLU A 309 13.92 18.02 -55.72
N ILE A 310 12.83 17.27 -55.58
CA ILE A 310 12.57 16.15 -56.47
C ILE A 310 12.33 16.66 -57.90
N TYR A 311 11.77 17.86 -58.01
CA TYR A 311 11.52 18.46 -59.31
C TYR A 311 12.86 18.74 -59.97
N GLU A 312 13.70 19.52 -59.29
CA GLU A 312 15.01 19.88 -59.80
C GLU A 312 15.95 18.68 -59.81
N LYS A 313 15.47 17.55 -60.31
CA LYS A 313 16.29 16.34 -60.40
C LYS A 313 15.80 15.53 -61.59
N VAL A 314 14.49 15.44 -61.71
CA VAL A 314 13.87 14.72 -62.81
C VAL A 314 13.32 15.79 -63.74
N LYS A 315 13.71 17.03 -63.46
CA LYS A 315 13.31 18.22 -64.21
C LYS A 315 13.49 18.00 -65.71
N GLU A 316 14.60 17.40 -66.09
CA GLU A 316 14.87 17.15 -67.50
C GLU A 316 15.04 15.66 -67.81
N GLU A 317 14.59 14.81 -66.90
CA GLU A 317 14.65 13.37 -67.12
C GLU A 317 13.55 13.16 -68.16
N LYS A 318 13.61 12.09 -69.01
CA LYS A 318 12.64 11.99 -70.09
C LYS A 318 11.78 10.75 -69.93
N THR A 319 11.63 10.11 -68.80
CA THR A 319 10.75 8.94 -68.66
C THR A 319 9.31 9.44 -68.64
N GLU A 320 8.34 8.54 -68.78
CA GLU A 320 6.96 8.95 -68.78
C GLU A 320 6.61 9.62 -67.47
N ASP A 321 6.64 8.84 -66.39
CA ASP A 321 6.34 9.36 -65.06
C ASP A 321 7.01 10.70 -64.83
N ALA A 322 8.34 10.73 -64.95
CA ALA A 322 9.12 11.95 -64.77
C ALA A 322 8.44 13.19 -65.32
N GLN A 323 8.03 13.11 -66.59
CA GLN A 323 7.38 14.23 -67.26
C GLN A 323 5.98 14.53 -66.76
N LYS A 324 5.18 13.48 -66.55
CA LYS A 324 3.81 13.66 -66.07
C LYS A 324 3.86 14.32 -64.69
N PHE A 325 4.93 14.03 -63.95
CA PHE A 325 5.14 14.57 -62.62
C PHE A 325 5.47 16.05 -62.73
N CYS A 326 6.58 16.36 -63.39
CA CYS A 326 7.01 17.74 -63.56
C CYS A 326 5.88 18.60 -64.10
N LYS A 327 5.08 18.03 -65.00
CA LYS A 327 3.95 18.78 -65.54
C LYS A 327 2.99 19.19 -64.44
N PHE A 328 2.60 18.19 -63.63
CA PHE A 328 1.70 18.41 -62.49
C PHE A 328 2.30 19.44 -61.53
N TYR A 329 3.59 19.29 -61.26
CA TYR A 329 4.29 20.19 -60.37
C TYR A 329 4.11 21.64 -60.82
N GLU A 330 4.63 21.94 -62.00
CA GLU A 330 4.55 23.27 -62.56
C GLU A 330 3.11 23.78 -62.50
N GLN A 331 2.13 22.89 -62.69
CA GLN A 331 0.72 23.28 -62.62
C GLN A 331 0.49 23.92 -61.27
N ALA A 332 0.83 23.17 -60.22
CA ALA A 332 0.67 23.63 -58.84
C ALA A 332 1.35 24.98 -58.66
N ALA A 333 2.65 25.01 -58.92
CA ALA A 333 3.44 26.22 -58.78
C ALA A 333 2.76 27.48 -59.30
N ASN A 334 2.15 27.40 -60.50
CA ASN A 334 1.48 28.54 -61.11
C ASN A 334 0.56 29.29 -60.16
N VAL A 335 -0.25 28.55 -59.42
CA VAL A 335 -1.16 29.16 -58.45
C VAL A 335 -0.68 28.90 -57.03
N GLY A 336 0.27 27.98 -56.89
CA GLY A 336 0.77 27.65 -55.56
C GLY A 336 1.96 28.43 -55.07
N ALA A 337 3.03 28.47 -55.85
CA ALA A 337 4.25 29.17 -55.47
C ALA A 337 4.01 30.66 -55.25
N VAL A 338 4.13 31.10 -54.00
CA VAL A 338 3.89 32.49 -53.65
C VAL A 338 4.85 33.00 -52.58
N SER A 339 5.65 34.00 -52.91
CA SER A 339 6.59 34.54 -51.93
C SER A 339 5.83 35.02 -50.69
N PRO A 340 6.21 34.52 -49.51
CA PRO A 340 5.57 34.91 -48.26
C PRO A 340 5.39 36.41 -48.13
N SER A 341 6.39 37.16 -48.60
CA SER A 341 6.35 38.61 -48.52
C SER A 341 5.07 39.22 -49.11
N GLU A 342 4.34 38.44 -49.90
CA GLU A 342 3.10 38.93 -50.50
C GLU A 342 1.90 38.83 -49.57
N TRP A 343 2.02 38.01 -48.53
CA TRP A 343 0.90 37.85 -47.62
C TRP A 343 1.24 37.76 -46.13
N ALA A 344 2.30 37.03 -45.79
CA ALA A 344 2.69 36.84 -44.38
C ALA A 344 3.46 38.00 -43.78
N TYR A 345 2.75 39.02 -43.33
CA TYR A 345 3.41 40.18 -42.74
C TYR A 345 2.38 40.98 -41.97
N PRO A 346 2.83 41.68 -40.90
CA PRO A 346 4.22 41.68 -40.45
C PRO A 346 4.46 40.40 -39.67
N PRO A 347 5.69 40.14 -39.24
CA PRO A 347 5.91 38.90 -38.48
C PRO A 347 5.21 38.98 -37.12
N VAL A 348 4.78 37.81 -36.62
CA VAL A 348 4.07 37.71 -35.35
C VAL A 348 4.80 38.39 -34.20
N ALA A 349 6.12 38.27 -34.18
CA ALA A 349 6.89 38.87 -33.12
C ALA A 349 6.68 40.38 -33.11
N GLN A 350 6.84 41.00 -34.28
CA GLN A 350 6.65 42.44 -34.39
C GLN A 350 5.30 42.87 -33.80
N LEU A 351 4.23 42.15 -34.13
CA LEU A 351 2.93 42.51 -33.60
C LEU A 351 2.89 42.31 -32.10
N ALA A 352 3.58 41.28 -31.64
CA ALA A 352 3.61 40.96 -30.21
C ALA A 352 4.35 42.01 -29.41
N ASN A 353 5.39 42.58 -30.00
CA ASN A 353 6.17 43.61 -29.33
C ASN A 353 5.44 44.94 -29.22
N VAL A 354 4.68 45.31 -30.24
CA VAL A 354 3.95 46.57 -30.23
C VAL A 354 3.20 46.75 -28.91
N MET B 1 7.44 6.36 52.47
CA MET B 1 8.71 7.09 52.56
C MET B 1 9.85 6.30 51.92
N GLU B 2 11.05 6.85 51.94
CA GLU B 2 12.21 6.16 51.39
C GLU B 2 12.65 5.02 52.30
N ASN B 3 11.72 4.61 53.16
CA ASN B 3 11.97 3.53 54.10
C ASN B 3 10.90 2.46 53.98
N PHE B 4 11.21 1.24 54.37
CA PHE B 4 10.23 0.14 54.30
C PHE B 4 9.27 0.27 55.48
N PRO B 5 7.95 0.31 55.20
CA PRO B 5 6.86 0.42 56.18
C PRO B 5 6.83 -0.70 57.21
N THR B 6 8.02 -1.22 57.53
CA THR B 6 8.21 -2.31 58.49
C THR B 6 7.05 -2.57 59.44
N GLU B 7 6.64 -1.53 60.19
CA GLU B 7 5.53 -1.69 61.11
C GLU B 7 4.26 -2.12 60.38
N TYR B 8 3.83 -1.25 59.46
CA TYR B 8 2.63 -1.52 58.66
C TYR B 8 2.67 -2.94 58.10
N PHE B 9 3.81 -3.33 57.53
CA PHE B 9 3.98 -4.64 56.96
C PHE B 9 3.72 -5.76 57.95
N LEU B 10 4.39 -5.71 59.10
CA LEU B 10 4.24 -6.73 60.14
C LEU B 10 2.80 -6.85 60.63
N ASN B 11 2.07 -5.74 60.60
CA ASN B 11 0.68 -5.73 61.03
C ASN B 11 -0.19 -6.59 60.11
N THR B 12 -0.33 -6.13 58.87
CA THR B 12 -1.14 -6.82 57.87
C THR B 12 -0.79 -8.30 57.74
N THR B 13 0.51 -8.61 57.79
CA THR B 13 0.96 -10.00 57.68
C THR B 13 0.35 -10.87 58.77
N VAL B 14 0.30 -10.31 59.99
CA VAL B 14 -0.25 -11.01 61.13
C VAL B 14 -1.77 -11.14 60.95
N ARG B 15 -2.38 -10.04 60.55
CA ARG B 15 -3.82 -10.01 60.32
C ARG B 15 -4.14 -11.06 59.26
N LEU B 16 -3.33 -11.08 58.20
CA LEU B 16 -3.50 -12.03 57.12
C LEU B 16 -3.44 -13.46 57.62
N LEU B 17 -2.35 -13.77 58.31
CA LEU B 17 -2.16 -15.12 58.86
C LEU B 17 -3.27 -15.52 59.83
N GLU B 18 -3.81 -14.53 60.55
CA GLU B 18 -4.89 -14.80 61.49
C GLU B 18 -6.14 -15.10 60.68
N TYR B 19 -6.51 -14.18 59.80
CA TYR B 19 -7.70 -14.34 58.95
C TYR B 19 -7.79 -15.71 58.27
N ILE B 20 -6.69 -16.17 57.69
CA ILE B 20 -6.69 -17.47 57.01
C ILE B 20 -6.59 -18.66 57.95
N ARG B 21 -6.27 -18.39 59.22
CA ARG B 21 -6.13 -19.43 60.26
C ARG B 21 -4.79 -20.15 60.17
N TYR B 22 -3.72 -19.41 59.93
CA TYR B 22 -2.39 -20.00 59.82
C TYR B 22 -2.04 -20.82 61.05
N ARG B 23 -1.83 -22.12 60.85
CA ARG B 23 -1.48 -23.00 61.96
C ARG B 23 -0.64 -24.19 61.51
N ASP B 24 -0.41 -25.12 62.43
CA ASP B 24 0.40 -26.31 62.16
C ASP B 24 -0.35 -27.30 61.30
N SER B 25 0.40 -28.06 60.50
CA SER B 25 -0.20 -29.06 59.62
C SER B 25 0.33 -30.47 59.93
N ASN B 26 -0.41 -31.48 59.48
CA ASN B 26 0.01 -32.86 59.62
C ASN B 26 0.95 -33.25 58.51
N TYR B 27 1.59 -32.17 57.99
CA TYR B 27 2.57 -32.22 56.90
C TYR B 27 3.96 -32.01 57.50
N THR B 28 4.54 -33.10 57.98
CA THR B 28 5.85 -33.09 58.63
C THR B 28 6.98 -32.66 57.72
N ARG B 29 8.10 -32.31 58.33
CA ARG B 29 9.27 -31.90 57.56
C ARG B 29 9.80 -33.10 56.79
N GLU B 30 9.73 -34.26 57.43
CA GLU B 30 10.18 -35.46 56.74
C GLU B 30 9.36 -35.69 55.48
N GLU B 31 8.05 -35.40 55.58
CA GLU B 31 7.16 -35.54 54.43
C GLU B 31 7.50 -34.49 53.37
N ARG B 32 7.68 -33.24 53.81
CA ARG B 32 8.03 -32.15 52.91
C ARG B 32 9.27 -32.49 52.12
N ILE B 33 10.30 -32.98 52.81
CA ILE B 33 11.53 -33.35 52.12
C ILE B 33 11.31 -34.51 51.16
N GLU B 34 10.46 -35.47 51.56
CA GLU B 34 10.17 -36.62 50.72
C GLU B 34 9.73 -36.10 49.34
N ASN B 35 8.76 -35.20 49.37
CA ASN B 35 8.19 -34.62 48.15
C ASN B 35 9.15 -33.70 47.42
N LEU B 36 9.73 -32.74 48.14
CA LEU B 36 10.69 -31.83 47.53
C LEU B 36 11.63 -32.61 46.61
N HIS B 37 12.27 -33.65 47.13
CA HIS B 37 13.20 -34.42 46.33
C HIS B 37 12.53 -35.15 45.17
N TYR B 38 11.33 -35.67 45.39
CA TYR B 38 10.66 -36.41 44.31
C TYR B 38 10.42 -35.47 43.15
N ALA B 39 9.76 -34.36 43.45
CA ALA B 39 9.45 -33.35 42.45
C ALA B 39 10.74 -32.88 41.79
N TYR B 40 11.66 -32.33 42.58
CA TYR B 40 12.89 -31.85 42.00
C TYR B 40 13.58 -32.88 41.10
N ASN B 41 13.62 -34.14 41.54
CA ASN B 41 14.29 -35.16 40.75
C ASN B 41 13.67 -35.36 39.37
N LYS B 42 12.34 -35.40 39.31
CA LYS B 42 11.69 -35.60 38.02
C LYS B 42 11.93 -34.40 37.11
N ALA B 43 11.68 -33.21 37.65
CA ALA B 43 11.88 -31.96 36.92
C ALA B 43 13.32 -31.85 36.44
N ALA B 44 14.27 -32.03 37.36
CA ALA B 44 15.68 -31.94 37.03
C ALA B 44 16.03 -32.79 35.81
N HIS B 45 15.61 -34.05 35.82
CA HIS B 45 15.89 -34.93 34.69
C HIS B 45 15.21 -34.40 33.42
N HIS B 46 14.05 -33.79 33.60
CA HIS B 46 13.31 -33.26 32.46
C HIS B 46 14.07 -32.13 31.81
N PHE B 47 14.42 -31.12 32.59
CA PHE B 47 15.14 -29.99 32.05
C PHE B 47 16.55 -30.34 31.63
N ALA B 48 17.04 -31.49 32.07
CA ALA B 48 18.40 -31.88 31.73
C ALA B 48 18.49 -32.57 30.38
N GLN B 49 17.33 -32.89 29.80
CA GLN B 49 17.31 -33.56 28.50
C GLN B 49 17.86 -32.60 27.46
N PRO B 50 18.59 -33.13 26.47
CA PRO B 50 19.19 -32.35 25.39
C PRO B 50 18.22 -31.40 24.65
N ARG B 51 17.05 -31.91 24.27
CA ARG B 51 16.08 -31.06 23.59
C ARG B 51 15.72 -29.87 24.47
N GLN B 52 15.23 -30.13 25.69
CA GLN B 52 14.89 -29.05 26.60
C GLN B 52 16.12 -28.15 26.77
N GLN B 53 17.29 -28.76 26.85
CA GLN B 53 18.51 -27.98 27.02
C GLN B 53 18.76 -27.03 25.84
N GLN B 54 18.47 -27.49 24.63
CA GLN B 54 18.65 -26.65 23.46
C GLN B 54 17.61 -25.55 23.37
N LEU B 55 16.36 -25.92 23.17
CA LEU B 55 15.29 -24.94 23.02
C LEU B 55 15.08 -23.94 24.13
N LEU B 56 15.40 -24.28 25.37
CA LEU B 56 15.16 -23.35 26.46
C LEU B 56 16.40 -22.50 26.69
N LYS B 57 16.48 -21.36 26.00
CA LYS B 57 17.63 -20.50 26.18
C LYS B 57 17.59 -19.81 27.54
N VAL B 58 18.22 -20.46 28.52
CA VAL B 58 18.26 -19.93 29.87
C VAL B 58 19.62 -20.22 30.43
N ASP B 59 20.12 -19.30 31.25
CA ASP B 59 21.42 -19.50 31.86
C ASP B 59 21.29 -20.54 32.97
N PRO B 60 22.10 -21.61 32.90
CA PRO B 60 22.09 -22.69 33.89
C PRO B 60 21.81 -22.25 35.33
N LYS B 61 22.62 -21.34 35.85
CA LYS B 61 22.40 -20.87 37.21
C LYS B 61 20.96 -20.44 37.44
N ARG B 62 20.36 -19.78 36.44
CA ARG B 62 18.99 -19.31 36.55
C ARG B 62 17.97 -20.45 36.59
N LEU B 63 18.06 -21.35 35.63
CA LEU B 63 17.16 -22.48 35.57
C LEU B 63 17.18 -23.20 36.92
N GLN B 64 18.39 -23.42 37.42
CA GLN B 64 18.61 -24.12 38.69
C GLN B 64 17.94 -23.42 39.86
N ALA B 65 17.99 -22.09 39.87
CA ALA B 65 17.38 -21.33 40.97
C ALA B 65 15.87 -21.29 40.85
N SER B 66 15.41 -21.22 39.62
CA SER B 66 14.00 -21.16 39.35
C SER B 66 13.34 -22.47 39.74
N LEU B 67 13.92 -23.58 39.27
CA LEU B 67 13.39 -24.90 39.55
C LEU B 67 13.22 -25.09 41.04
N GLN B 68 14.25 -24.73 41.80
CA GLN B 68 14.20 -24.89 43.25
C GLN B 68 13.13 -24.04 43.90
N THR B 69 12.93 -22.82 43.41
CA THR B 69 11.91 -21.98 44.00
C THR B 69 10.53 -22.51 43.66
N ILE B 70 10.38 -23.08 42.47
CA ILE B 70 9.09 -23.59 42.05
C ILE B 70 8.75 -24.90 42.72
N VAL B 71 9.69 -25.84 42.77
CA VAL B 71 9.42 -27.11 43.43
C VAL B 71 8.90 -26.77 44.82
N GLY B 72 9.61 -25.86 45.47
CA GLY B 72 9.22 -25.46 46.81
C GLY B 72 7.80 -24.94 46.85
N MET B 73 7.51 -23.98 45.97
CA MET B 73 6.18 -23.40 45.89
C MET B 73 5.08 -24.49 45.76
N VAL B 74 5.31 -25.43 44.85
CA VAL B 74 4.35 -26.50 44.59
C VAL B 74 4.17 -27.50 45.71
N VAL B 75 5.28 -28.05 46.21
CA VAL B 75 5.22 -29.05 47.28
C VAL B 75 4.63 -28.51 48.57
N TYR B 76 4.91 -27.25 48.88
CA TYR B 76 4.37 -26.66 50.10
C TYR B 76 2.93 -26.20 49.97
N SER B 77 2.47 -25.95 48.75
CA SER B 77 1.11 -25.46 48.58
C SER B 77 0.06 -26.45 48.06
N TRP B 78 0.49 -27.36 47.18
CA TRP B 78 -0.43 -28.36 46.64
C TRP B 78 -0.31 -29.61 47.51
N ALA B 79 -0.26 -29.38 48.83
CA ALA B 79 -0.11 -30.42 49.84
C ALA B 79 -0.89 -31.71 49.67
N LYS B 80 -2.12 -31.64 49.20
CA LYS B 80 -2.93 -32.83 49.06
C LYS B 80 -2.87 -33.58 47.73
N VAL B 81 -2.08 -33.12 46.77
CA VAL B 81 -2.04 -33.84 45.49
C VAL B 81 -0.94 -34.89 45.50
N SER B 82 -0.95 -35.78 44.53
CA SER B 82 0.05 -36.86 44.49
C SER B 82 1.47 -36.36 44.25
N LYS B 83 2.43 -37.27 44.40
CA LYS B 83 3.82 -36.90 44.18
C LYS B 83 3.98 -36.54 42.71
N GLU B 84 3.52 -37.42 41.83
CA GLU B 84 3.62 -37.18 40.39
C GLU B 84 2.99 -35.85 40.01
N CYS B 85 1.84 -35.55 40.61
CA CYS B 85 1.16 -34.29 40.33
C CYS B 85 2.05 -33.11 40.71
N MET B 86 2.67 -33.18 41.89
CA MET B 86 3.55 -32.10 42.37
C MET B 86 4.66 -31.89 41.36
N ALA B 87 5.25 -33.00 40.94
CA ALA B 87 6.34 -32.98 39.97
C ALA B 87 5.90 -32.28 38.68
N ASP B 88 4.91 -32.87 38.00
CA ASP B 88 4.46 -32.29 36.76
C ASP B 88 4.07 -30.81 36.90
N LEU B 89 3.38 -30.45 37.97
CA LEU B 89 3.04 -29.05 38.12
C LEU B 89 4.34 -28.27 38.27
N SER B 90 5.32 -28.88 38.93
CA SER B 90 6.61 -28.22 39.12
C SER B 90 7.27 -27.91 37.79
N ILE B 91 7.19 -28.84 36.85
CA ILE B 91 7.79 -28.61 35.54
C ILE B 91 7.08 -27.46 34.83
N HIS B 92 5.75 -27.49 34.87
CA HIS B 92 4.96 -26.47 34.20
C HIS B 92 5.20 -25.09 34.76
N TYR B 93 5.14 -24.96 36.07
CA TYR B 93 5.34 -23.65 36.67
C TYR B 93 6.79 -23.21 36.57
N THR B 94 7.70 -24.13 36.34
CA THR B 94 9.09 -23.74 36.17
C THR B 94 9.23 -23.12 34.78
N TYR B 95 8.55 -23.71 33.78
CA TYR B 95 8.57 -23.16 32.43
C TYR B 95 8.06 -21.73 32.50
N THR B 96 6.90 -21.54 33.11
CA THR B 96 6.34 -20.21 33.21
C THR B 96 7.31 -19.25 33.87
N LEU B 97 7.91 -19.65 34.98
CA LEU B 97 8.83 -18.76 35.65
C LEU B 97 9.99 -18.39 34.74
N VAL B 98 10.47 -19.36 33.98
CA VAL B 98 11.57 -19.12 33.06
C VAL B 98 11.23 -18.12 31.95
N LEU B 99 9.97 -18.09 31.52
CA LEU B 99 9.54 -17.17 30.47
C LEU B 99 9.41 -15.73 30.97
N ASP B 100 9.11 -15.58 32.25
CA ASP B 100 8.95 -14.26 32.84
C ASP B 100 10.26 -13.53 32.74
N ASP B 101 11.34 -14.31 32.62
CA ASP B 101 12.67 -13.75 32.54
C ASP B 101 13.13 -13.52 31.11
N SER B 102 12.52 -14.18 30.14
CA SER B 102 12.95 -13.99 28.77
C SER B 102 12.89 -12.53 28.35
N LYS B 103 13.71 -12.18 27.37
CA LYS B 103 13.76 -10.81 26.88
C LYS B 103 13.66 -10.78 25.36
N ASP B 104 13.04 -11.82 24.78
CA ASP B 104 12.92 -11.93 23.33
C ASP B 104 11.55 -11.59 22.76
N ASP B 105 11.53 -10.61 21.85
CA ASP B 105 10.29 -10.19 21.23
C ASP B 105 9.53 -11.41 20.70
N PRO B 106 8.32 -11.62 21.23
CA PRO B 106 7.47 -12.74 20.82
C PRO B 106 6.96 -12.57 19.38
N TYR B 107 6.61 -11.33 19.04
CA TYR B 107 6.07 -10.97 17.73
C TYR B 107 6.41 -11.84 16.52
N PRO B 108 7.68 -11.85 16.09
CA PRO B 108 8.03 -12.68 14.94
C PRO B 108 7.68 -14.14 15.04
N THR B 109 7.72 -14.71 16.24
CA THR B 109 7.37 -16.13 16.36
C THR B 109 5.89 -16.36 16.55
N MET B 110 5.13 -15.30 16.79
CA MET B 110 3.69 -15.44 16.98
C MET B 110 2.87 -15.15 15.72
N VAL B 111 3.55 -14.76 14.66
CA VAL B 111 2.87 -14.42 13.41
C VAL B 111 1.97 -15.51 12.82
N ASN B 112 2.39 -16.78 12.95
CA ASN B 112 1.59 -17.89 12.42
C ASN B 112 1.12 -18.82 13.51
N TYR B 113 1.00 -18.28 14.72
CA TYR B 113 0.57 -19.03 15.88
C TYR B 113 -0.68 -19.87 15.65
N PHE B 114 -1.80 -19.23 15.32
CA PHE B 114 -3.05 -19.95 15.12
C PHE B 114 -3.05 -20.94 13.95
N ASP B 115 -2.44 -20.58 12.83
CA ASP B 115 -2.43 -21.49 11.68
C ASP B 115 -1.64 -22.73 11.96
N ASP B 116 -0.52 -22.58 12.66
CA ASP B 116 0.29 -23.74 13.02
C ASP B 116 -0.50 -24.57 14.06
N LEU B 117 -1.10 -23.87 15.02
CA LEU B 117 -1.87 -24.53 16.05
C LEU B 117 -2.95 -25.42 15.47
N GLN B 118 -3.74 -24.85 14.56
CA GLN B 118 -4.84 -25.60 13.96
C GLN B 118 -4.35 -26.71 13.04
N ALA B 119 -3.16 -26.54 12.48
CA ALA B 119 -2.59 -27.54 11.58
C ALA B 119 -1.78 -28.62 12.27
N GLY B 120 -1.52 -28.41 13.56
CA GLY B 120 -0.74 -29.38 14.31
C GLY B 120 0.75 -29.30 14.04
N ARG B 121 1.22 -28.14 13.59
CA ARG B 121 2.65 -27.96 13.33
C ARG B 121 3.29 -27.40 14.59
N GLU B 122 4.51 -27.84 14.88
CA GLU B 122 5.20 -27.34 16.08
C GLU B 122 5.23 -25.83 16.03
N GLN B 123 4.97 -25.19 17.15
CA GLN B 123 5.00 -23.73 17.20
C GLN B 123 6.39 -23.18 16.89
N ALA B 124 6.45 -21.93 16.45
CA ALA B 124 7.71 -21.28 16.10
C ALA B 124 8.44 -20.87 17.36
N HIS B 125 7.70 -20.32 18.32
CA HIS B 125 8.32 -19.89 19.57
C HIS B 125 8.72 -21.14 20.35
N PRO B 126 10.04 -21.33 20.57
CA PRO B 126 10.55 -22.50 21.30
C PRO B 126 9.85 -22.80 22.62
N TRP B 127 9.51 -21.76 23.38
CA TRP B 127 8.83 -21.94 24.65
C TRP B 127 7.55 -22.74 24.37
N TRP B 128 6.65 -22.19 23.55
CA TRP B 128 5.42 -22.91 23.22
C TRP B 128 5.74 -24.33 22.79
N ALA B 129 6.75 -24.47 21.94
CA ALA B 129 7.13 -25.78 21.46
C ALA B 129 7.36 -26.75 22.62
N LEU B 130 8.12 -26.32 23.63
CA LEU B 130 8.38 -27.18 24.79
C LEU B 130 7.13 -27.38 25.64
N VAL B 131 6.59 -26.27 26.14
CA VAL B 131 5.40 -26.31 26.98
C VAL B 131 4.23 -27.13 26.42
N ASN B 132 3.89 -26.93 25.15
CA ASN B 132 2.77 -27.67 24.57
C ASN B 132 3.05 -29.15 24.41
N GLU B 133 4.32 -29.48 24.25
CA GLU B 133 4.74 -30.86 24.11
C GLU B 133 4.62 -31.53 25.47
N HIS B 134 4.96 -30.77 26.50
CA HIS B 134 4.93 -31.26 27.86
C HIS B 134 3.55 -31.24 28.50
N PHE B 135 2.74 -30.25 28.12
CA PHE B 135 1.42 -30.07 28.70
C PHE B 135 0.60 -31.32 29.07
N PRO B 136 0.54 -32.33 28.19
CA PRO B 136 -0.24 -33.53 28.51
C PRO B 136 0.12 -34.17 29.85
N ASN B 137 1.39 -34.12 30.22
CA ASN B 137 1.83 -34.67 31.49
C ASN B 137 1.18 -33.96 32.65
N VAL B 138 0.78 -32.72 32.44
CA VAL B 138 0.12 -31.96 33.48
C VAL B 138 -1.36 -32.25 33.38
N LEU B 139 -1.90 -31.98 32.21
CA LEU B 139 -3.32 -32.17 31.94
C LEU B 139 -3.91 -33.54 32.25
N ARG B 140 -3.08 -34.59 32.24
CA ARG B 140 -3.59 -35.92 32.53
C ARG B 140 -4.17 -36.06 33.94
N HIS B 141 -3.74 -35.21 34.85
CA HIS B 141 -4.25 -35.26 36.22
C HIS B 141 -5.61 -34.60 36.40
N PHE B 142 -6.11 -33.92 35.37
CA PHE B 142 -7.36 -33.24 35.57
C PHE B 142 -8.47 -33.57 34.59
N GLY B 143 -9.68 -33.18 34.98
CA GLY B 143 -10.85 -33.38 34.16
C GLY B 143 -10.85 -32.33 33.08
N PRO B 144 -11.76 -32.40 32.11
CA PRO B 144 -11.78 -31.40 31.04
C PRO B 144 -11.99 -29.95 31.48
N PHE B 145 -12.90 -29.71 32.41
CA PHE B 145 -13.11 -28.34 32.86
C PHE B 145 -11.85 -27.73 33.48
N CYS B 146 -11.27 -28.42 34.45
CA CYS B 146 -10.07 -27.92 35.09
C CYS B 146 -8.97 -27.78 34.04
N SER B 147 -8.90 -28.72 33.11
CA SER B 147 -7.87 -28.65 32.08
C SER B 147 -8.01 -27.39 31.21
N LEU B 148 -9.24 -27.08 30.83
CA LEU B 148 -9.49 -25.89 30.03
C LEU B 148 -8.95 -24.68 30.79
N ASN B 149 -9.19 -24.63 32.09
CA ASN B 149 -8.70 -23.53 32.89
C ASN B 149 -7.18 -23.42 32.87
N LEU B 150 -6.49 -24.55 33.01
CA LEU B 150 -5.02 -24.52 32.98
C LEU B 150 -4.55 -23.99 31.62
N ILE B 151 -5.15 -24.49 30.54
CA ILE B 151 -4.77 -24.06 29.20
C ILE B 151 -4.93 -22.56 28.99
N ARG B 152 -6.10 -22.02 29.33
CA ARG B 152 -6.34 -20.60 29.16
C ARG B 152 -5.34 -19.77 29.95
N SER B 153 -5.32 -19.94 31.27
CA SER B 153 -4.40 -19.19 32.12
C SER B 153 -2.97 -19.17 31.57
N THR B 154 -2.48 -20.32 31.09
CA THR B 154 -1.12 -20.36 30.55
C THR B 154 -1.02 -19.46 29.32
N LEU B 155 -2.05 -19.51 28.47
CA LEU B 155 -2.10 -18.68 27.26
C LEU B 155 -2.12 -17.20 27.68
N ASP B 156 -2.97 -16.90 28.65
CA ASP B 156 -3.09 -15.55 29.18
C ASP B 156 -1.70 -15.13 29.67
N PHE B 157 -1.02 -16.04 30.36
CA PHE B 157 0.31 -15.75 30.89
C PHE B 157 1.31 -15.40 29.80
N PHE B 158 1.24 -16.09 28.68
CA PHE B 158 2.15 -15.84 27.59
C PHE B 158 2.00 -14.41 27.07
N GLU B 159 0.75 -13.93 27.03
CA GLU B 159 0.47 -12.57 26.58
C GLU B 159 0.97 -11.61 27.64
N GLY B 160 0.72 -11.97 28.89
CA GLY B 160 1.17 -11.12 29.98
C GLY B 160 2.66 -10.86 29.89
N CYS B 161 3.45 -11.90 29.67
CA CYS B 161 4.90 -11.73 29.57
C CYS B 161 5.22 -10.80 28.41
N TRP B 162 4.50 -10.99 27.31
CA TRP B 162 4.68 -10.19 26.12
C TRP B 162 4.52 -8.71 26.48
N ILE B 163 3.41 -8.38 27.14
CA ILE B 163 3.13 -7.01 27.56
C ILE B 163 4.18 -6.51 28.55
N GLU B 164 4.57 -7.37 29.48
CA GLU B 164 5.57 -6.98 30.47
C GLU B 164 6.88 -6.58 29.84
N GLN B 165 7.16 -7.11 28.65
CA GLN B 165 8.40 -6.78 27.99
C GLN B 165 8.51 -5.28 27.68
N TYR B 166 7.40 -4.55 27.75
CA TYR B 166 7.43 -3.13 27.46
C TYR B 166 7.59 -2.29 28.72
N ASN B 167 7.74 -2.94 29.87
CA ASN B 167 7.92 -2.20 31.11
C ASN B 167 6.98 -1.01 31.20
N PHE B 168 5.71 -1.22 30.86
CA PHE B 168 4.71 -0.17 30.87
C PHE B 168 3.83 -0.25 32.12
N GLY B 169 3.85 0.80 32.93
CA GLY B 169 3.05 0.81 34.15
C GLY B 169 1.67 1.38 33.93
N GLY B 170 1.31 1.58 32.66
CA GLY B 170 -0.01 2.12 32.33
C GLY B 170 -0.06 3.63 32.17
N PHE B 171 -1.00 4.12 31.37
CA PHE B 171 -1.15 5.56 31.18
C PHE B 171 -1.83 6.13 32.40
N PRO B 172 -1.38 7.31 32.86
CA PRO B 172 -2.01 7.90 34.04
C PRO B 172 -3.48 8.06 33.76
N GLY B 173 -4.32 7.59 34.68
CA GLY B 173 -5.75 7.69 34.50
C GLY B 173 -6.37 6.41 33.98
N SER B 174 -5.53 5.47 33.55
CA SER B 174 -5.98 4.18 33.03
C SER B 174 -6.19 3.23 34.22
N HIS B 175 -7.18 3.52 35.05
CA HIS B 175 -7.45 2.72 36.25
C HIS B 175 -7.63 1.23 36.04
N ASP B 176 -8.13 0.82 34.89
CA ASP B 176 -8.32 -0.59 34.65
C ASP B 176 -7.05 -1.35 34.27
N TYR B 177 -5.98 -0.64 33.94
CA TYR B 177 -4.75 -1.29 33.53
C TYR B 177 -4.04 -2.20 34.53
N PRO B 178 -3.74 -1.69 35.73
CA PRO B 178 -3.05 -2.47 36.76
C PRO B 178 -3.57 -3.89 36.98
N GLN B 179 -4.83 -4.02 37.37
CA GLN B 179 -5.39 -5.34 37.61
C GLN B 179 -5.56 -6.16 36.34
N PHE B 180 -5.69 -5.47 35.21
CA PHE B 180 -5.83 -6.13 33.92
C PHE B 180 -4.56 -6.93 33.63
N LEU B 181 -3.42 -6.28 33.86
CA LEU B 181 -2.13 -6.89 33.64
C LEU B 181 -1.80 -7.94 34.69
N ARG B 182 -2.12 -7.65 35.94
CA ARG B 182 -1.82 -8.59 37.02
C ARG B 182 -2.52 -9.92 36.78
N ARG B 183 -3.79 -9.87 36.41
CA ARG B 183 -4.52 -11.09 36.12
C ARG B 183 -3.92 -11.76 34.90
N MET B 184 -3.50 -10.95 33.93
CA MET B 184 -2.94 -11.49 32.71
C MET B 184 -1.75 -12.42 32.96
N ASN B 185 -0.92 -12.09 33.93
CA ASN B 185 0.25 -12.93 34.19
C ASN B 185 0.30 -13.54 35.59
N GLY B 186 -0.84 -13.58 36.27
CA GLY B 186 -0.89 -14.15 37.60
C GLY B 186 -1.11 -15.66 37.63
N LEU B 187 -1.49 -16.24 36.50
CA LEU B 187 -1.73 -17.68 36.43
C LEU B 187 -2.77 -18.09 37.47
N GLY B 188 -3.56 -17.11 37.89
CA GLY B 188 -4.61 -17.38 38.85
C GLY B 188 -5.49 -18.56 38.49
N HIS B 189 -6.00 -18.61 37.27
CA HIS B 189 -6.86 -19.72 36.90
C HIS B 189 -6.12 -21.03 36.73
N CYS B 190 -4.81 -20.94 36.52
CA CYS B 190 -4.02 -22.14 36.36
C CYS B 190 -3.86 -22.76 37.75
N VAL B 191 -3.46 -21.94 38.71
CA VAL B 191 -3.30 -22.37 40.09
C VAL B 191 -4.62 -22.92 40.60
N GLY B 192 -5.64 -22.07 40.50
CA GLY B 192 -6.95 -22.43 40.98
C GLY B 192 -7.52 -23.74 40.50
N ALA B 193 -7.29 -24.08 39.24
CA ALA B 193 -7.85 -25.32 38.74
C ALA B 193 -6.95 -26.52 38.98
N SER B 194 -5.64 -26.29 39.11
CA SER B 194 -4.71 -27.39 39.32
C SER B 194 -4.79 -27.95 40.74
N LEU B 195 -5.61 -27.33 41.58
CA LEU B 195 -5.82 -27.77 42.95
C LEU B 195 -6.80 -28.95 43.04
N TRP B 196 -7.41 -29.31 41.91
CA TRP B 196 -8.40 -30.38 41.92
C TRP B 196 -8.20 -31.56 40.99
N PRO B 197 -7.19 -32.40 41.28
CA PRO B 197 -6.90 -33.59 40.47
C PRO B 197 -8.13 -34.47 40.37
N LYS B 198 -8.38 -35.04 39.19
CA LYS B 198 -9.57 -35.87 39.05
C LYS B 198 -9.44 -37.14 39.88
N GLU B 199 -8.23 -37.44 40.32
CA GLU B 199 -7.97 -38.63 41.09
C GLU B 199 -8.64 -38.56 42.46
N GLN B 200 -8.74 -37.35 43.01
CA GLN B 200 -9.37 -37.18 44.32
C GLN B 200 -10.52 -36.19 44.34
N PHE B 201 -10.97 -35.75 43.17
CA PHE B 201 -12.10 -34.82 43.10
C PHE B 201 -12.94 -35.03 41.87
N ASN B 202 -14.25 -34.89 42.03
CA ASN B 202 -15.14 -35.04 40.89
C ASN B 202 -15.54 -33.67 40.38
N GLU B 203 -14.90 -33.30 39.29
CA GLU B 203 -15.09 -32.04 38.61
C GLU B 203 -16.58 -31.75 38.35
N ARG B 204 -17.34 -32.78 38.03
CA ARG B 204 -18.77 -32.59 37.75
C ARG B 204 -19.57 -32.43 39.04
N SER B 205 -19.25 -33.27 40.02
CA SER B 205 -19.96 -33.22 41.30
C SER B 205 -19.66 -31.96 42.08
N LEU B 206 -18.42 -31.48 41.96
CA LEU B 206 -18.01 -30.28 42.66
C LEU B 206 -17.79 -29.08 41.73
N PHE B 207 -18.44 -29.10 40.57
CA PHE B 207 -18.30 -28.03 39.59
C PHE B 207 -18.48 -26.63 40.16
N LEU B 208 -19.54 -26.42 40.93
CA LEU B 208 -19.80 -25.11 41.49
C LEU B 208 -18.77 -24.68 42.52
N GLU B 209 -18.31 -25.61 43.35
CA GLU B 209 -17.32 -25.21 44.33
C GLU B 209 -16.00 -24.93 43.63
N ILE B 210 -15.61 -25.81 42.72
CA ILE B 210 -14.35 -25.63 42.00
C ILE B 210 -14.36 -24.29 41.27
N THR B 211 -15.44 -24.02 40.55
CA THR B 211 -15.56 -22.75 39.83
C THR B 211 -15.38 -21.59 40.80
N SER B 212 -16.13 -21.61 41.90
CA SER B 212 -16.04 -20.55 42.90
C SER B 212 -14.60 -20.48 43.45
N ALA B 213 -13.99 -21.65 43.61
CA ALA B 213 -12.65 -21.69 44.13
C ALA B 213 -11.74 -20.97 43.15
N ILE B 214 -11.85 -21.27 41.86
CA ILE B 214 -11.03 -20.62 40.87
C ILE B 214 -11.22 -19.11 40.92
N ALA B 215 -12.47 -18.69 40.88
CA ALA B 215 -12.81 -17.27 40.91
C ALA B 215 -12.18 -16.53 42.08
N GLN B 216 -12.34 -17.08 43.29
CA GLN B 216 -11.81 -16.42 44.48
C GLN B 216 -10.30 -16.61 44.70
N MET B 217 -9.82 -17.81 44.43
CA MET B 217 -8.42 -18.11 44.60
C MET B 217 -7.56 -17.23 43.71
N GLU B 218 -8.00 -16.99 42.48
CA GLU B 218 -7.22 -16.17 41.54
C GLU B 218 -6.70 -14.86 42.12
N ASN B 219 -7.57 -14.11 42.80
CA ASN B 219 -7.16 -12.84 43.39
C ASN B 219 -6.38 -12.99 44.69
N TRP B 220 -6.75 -13.96 45.52
CA TRP B 220 -6.05 -14.16 46.78
C TRP B 220 -4.59 -14.48 46.48
N MET B 221 -4.38 -15.49 45.65
CA MET B 221 -3.05 -15.92 45.31
C MET B 221 -2.17 -14.79 44.80
N VAL B 222 -2.65 -14.00 43.84
CA VAL B 222 -1.81 -12.93 43.31
C VAL B 222 -1.55 -11.82 44.31
N TRP B 223 -2.58 -11.40 45.03
CA TRP B 223 -2.41 -10.32 45.99
C TRP B 223 -1.50 -10.73 47.13
N VAL B 224 -1.65 -11.95 47.62
CA VAL B 224 -0.78 -12.40 48.70
C VAL B 224 0.66 -12.38 48.19
N ASN B 225 0.85 -12.76 46.94
CA ASN B 225 2.19 -12.76 46.36
C ASN B 225 2.69 -11.32 46.23
N ASP B 226 1.86 -10.42 45.72
CA ASP B 226 2.25 -9.04 45.58
C ASP B 226 2.68 -8.45 46.93
N LEU B 227 1.92 -8.76 47.98
CA LEU B 227 2.24 -8.28 49.31
C LEU B 227 3.58 -8.85 49.77
N MET B 228 3.67 -10.17 49.85
CA MET B 228 4.90 -10.82 50.30
C MET B 228 6.10 -10.40 49.46
N SER B 229 5.86 -9.97 48.23
CA SER B 229 6.96 -9.55 47.37
C SER B 229 7.30 -8.09 47.53
N PHE B 230 6.40 -7.32 48.16
CA PHE B 230 6.63 -5.89 48.34
C PHE B 230 7.98 -5.58 48.95
N TYR B 231 8.50 -6.52 49.73
CA TYR B 231 9.79 -6.35 50.38
C TYR B 231 10.93 -6.35 49.36
N LYS B 232 11.28 -7.52 48.88
CA LYS B 232 12.38 -7.65 47.93
C LYS B 232 12.24 -6.78 46.69
N GLU B 233 11.18 -5.99 46.58
CA GLU B 233 11.01 -5.13 45.41
C GLU B 233 11.11 -3.64 45.71
N PHE B 234 10.99 -3.27 46.97
CA PHE B 234 11.05 -1.87 47.40
C PHE B 234 12.41 -1.24 47.10
N ASP B 235 13.41 -2.10 46.97
CA ASP B 235 14.77 -1.67 46.70
C ASP B 235 15.20 -2.04 45.27
N ASP B 236 14.34 -1.73 44.31
CA ASP B 236 14.64 -2.03 42.92
C ASP B 236 13.66 -1.39 41.93
N GLU B 237 14.16 -0.41 41.18
CA GLU B 237 13.36 0.30 40.19
C GLU B 237 13.45 -0.44 38.88
N ARG B 238 14.45 -1.33 38.80
CA ARG B 238 14.58 -2.14 37.59
C ARG B 238 13.24 -2.69 37.15
N ASP B 239 12.66 -3.56 38.00
CA ASP B 239 11.33 -4.08 37.73
C ASP B 239 10.37 -2.95 38.05
N GLN B 240 10.57 -1.85 37.32
CA GLN B 240 9.78 -0.65 37.48
C GLN B 240 8.29 -0.98 37.52
N ILE B 241 7.92 -2.17 37.05
CA ILE B 241 6.50 -2.50 37.07
C ILE B 241 6.10 -3.62 38.01
N SER B 242 4.94 -3.41 38.64
CA SER B 242 4.36 -4.35 39.59
C SER B 242 2.96 -3.82 39.93
N LEU B 243 2.08 -4.70 40.40
CA LEU B 243 0.75 -4.27 40.73
C LEU B 243 0.75 -2.98 41.53
N VAL B 244 1.59 -2.92 42.55
CA VAL B 244 1.63 -1.72 43.38
C VAL B 244 2.20 -0.52 42.66
N LYS B 245 3.38 -0.68 42.06
CA LYS B 245 4.00 0.43 41.34
C LYS B 245 3.08 0.94 40.22
N ASN B 246 2.30 0.04 39.63
CA ASN B 246 1.40 0.42 38.55
C ASN B 246 0.17 1.15 39.06
N TYR B 247 -0.26 0.83 40.27
CA TYR B 247 -1.41 1.52 40.85
C TYR B 247 -0.98 2.96 40.95
N VAL B 248 0.21 3.15 41.50
CA VAL B 248 0.82 4.45 41.67
C VAL B 248 0.77 5.25 40.37
N VAL B 249 1.39 4.73 39.32
CA VAL B 249 1.43 5.39 38.02
C VAL B 249 0.06 5.59 37.37
N SER B 250 -0.72 4.51 37.30
CA SER B 250 -2.03 4.54 36.67
C SER B 250 -3.15 5.23 37.45
N ASP B 251 -3.15 5.07 38.77
CA ASP B 251 -4.17 5.69 39.60
C ASP B 251 -3.76 7.07 40.05
N GLU B 252 -2.47 7.37 39.92
CA GLU B 252 -1.92 8.66 40.34
C GLU B 252 -2.10 8.85 41.83
N ILE B 253 -1.59 7.90 42.60
CA ILE B 253 -1.68 7.94 44.04
C ILE B 253 -0.28 7.69 44.61
N SER B 254 -0.14 7.88 45.91
CA SER B 254 1.14 7.68 46.58
C SER B 254 1.40 6.19 46.74
N LEU B 255 2.66 5.85 46.96
CA LEU B 255 3.03 4.46 47.16
C LEU B 255 2.29 3.94 48.38
N HIS B 256 2.09 4.83 49.35
CA HIS B 256 1.38 4.48 50.57
C HIS B 256 -0.05 4.10 50.18
N GLU B 257 -0.69 4.98 49.42
CA GLU B 257 -2.06 4.73 48.99
C GLU B 257 -2.15 3.41 48.24
N ALA B 258 -1.21 3.18 47.32
CA ALA B 258 -1.19 1.96 46.53
C ALA B 258 -1.06 0.74 47.44
N LEU B 259 -0.04 0.75 48.30
CA LEU B 259 0.17 -0.35 49.22
C LEU B 259 -1.07 -0.52 50.11
N GLU B 260 -1.76 0.60 50.36
CA GLU B 260 -2.96 0.59 51.17
C GLU B 260 -3.99 -0.30 50.46
N LYS B 261 -4.31 0.09 49.24
CA LYS B 261 -5.27 -0.60 48.39
C LYS B 261 -5.03 -2.11 48.37
N LEU B 262 -3.79 -2.51 48.08
CA LEU B 262 -3.42 -3.92 48.05
C LEU B 262 -3.82 -4.64 49.34
N THR B 263 -3.46 -4.05 50.47
CA THR B 263 -3.79 -4.63 51.76
C THR B 263 -5.29 -4.84 51.95
N GLN B 264 -6.07 -3.83 51.56
CA GLN B 264 -7.52 -3.91 51.67
C GLN B 264 -8.01 -5.16 50.95
N ASP B 265 -7.63 -5.26 49.67
CA ASP B 265 -8.02 -6.39 48.85
C ASP B 265 -7.60 -7.72 49.46
N THR B 266 -6.32 -7.83 49.79
CA THR B 266 -5.79 -9.04 50.37
C THR B 266 -6.56 -9.53 51.60
N LEU B 267 -6.79 -8.64 52.54
CA LEU B 267 -7.50 -9.02 53.74
C LEU B 267 -8.94 -9.34 53.43
N HIS B 268 -9.63 -8.48 52.69
CA HIS B 268 -11.03 -8.75 52.36
C HIS B 268 -11.09 -10.11 51.66
N SER B 269 -10.15 -10.35 50.76
CA SER B 269 -10.10 -11.61 50.03
C SER B 269 -9.99 -12.77 50.99
N SER B 270 -9.12 -12.63 51.98
CA SER B 270 -8.92 -13.67 52.98
C SER B 270 -10.23 -13.91 53.73
N LYS B 271 -10.79 -12.86 54.32
CA LYS B 271 -12.03 -12.97 55.07
C LYS B 271 -13.09 -13.73 54.29
N GLN B 272 -13.32 -13.32 53.04
CA GLN B 272 -14.34 -13.96 52.21
C GLN B 272 -14.00 -15.38 51.79
N MET B 273 -12.71 -15.69 51.70
CA MET B 273 -12.32 -17.03 51.32
C MET B 273 -12.83 -18.00 52.37
N VAL B 274 -12.58 -17.68 53.63
CA VAL B 274 -13.01 -18.52 54.73
C VAL B 274 -14.54 -18.52 54.81
N ALA B 275 -15.13 -17.33 54.78
CA ALA B 275 -16.58 -17.20 54.85
C ALA B 275 -17.32 -18.16 53.93
N VAL B 276 -16.86 -18.24 52.70
CA VAL B 276 -17.47 -19.08 51.68
C VAL B 276 -17.21 -20.58 51.75
N PHE B 277 -15.97 -20.99 51.99
CA PHE B 277 -15.66 -22.42 51.99
C PHE B 277 -15.69 -23.18 53.30
N SER B 278 -15.81 -22.48 54.41
CA SER B 278 -15.85 -23.15 55.71
C SER B 278 -16.91 -24.23 55.72
N ASP B 279 -18.16 -23.85 55.47
CA ASP B 279 -19.29 -24.77 55.47
C ASP B 279 -19.50 -25.60 54.19
N LYS B 280 -18.47 -25.71 53.36
CA LYS B 280 -18.62 -26.51 52.14
C LYS B 280 -17.97 -27.87 52.29
N ASP B 281 -17.96 -28.64 51.21
CA ASP B 281 -17.36 -29.97 51.24
C ASP B 281 -16.03 -29.90 52.00
N PRO B 282 -15.91 -30.67 53.09
CA PRO B 282 -14.70 -30.70 53.92
C PRO B 282 -13.40 -30.94 53.15
N GLN B 283 -13.44 -31.79 52.13
CA GLN B 283 -12.23 -32.07 51.35
C GLN B 283 -11.81 -30.81 50.60
N VAL B 284 -12.80 -30.06 50.13
CA VAL B 284 -12.54 -28.82 49.40
C VAL B 284 -11.90 -27.82 50.35
N MET B 285 -12.58 -27.57 51.46
CA MET B 285 -12.09 -26.63 52.47
C MET B 285 -10.66 -26.99 52.87
N ASP B 286 -10.39 -28.28 52.92
CA ASP B 286 -9.07 -28.76 53.31
C ASP B 286 -8.00 -28.38 52.27
N THR B 287 -8.25 -28.70 51.00
CA THR B 287 -7.29 -28.38 49.94
C THR B 287 -7.05 -26.88 49.93
N ILE B 288 -8.13 -26.12 50.03
CA ILE B 288 -8.03 -24.67 50.01
C ILE B 288 -7.24 -24.12 51.19
N GLU B 289 -7.57 -24.56 52.40
CA GLU B 289 -6.87 -24.09 53.58
C GLU B 289 -5.38 -24.42 53.49
N CYS B 290 -5.07 -25.64 53.06
CA CYS B 290 -3.68 -26.04 52.93
C CYS B 290 -2.93 -25.16 51.95
N PHE B 291 -3.53 -24.91 50.77
CA PHE B 291 -2.85 -24.06 49.78
C PHE B 291 -2.50 -22.69 50.35
N MET B 292 -3.47 -22.05 50.99
CA MET B 292 -3.27 -20.73 51.58
C MET B 292 -2.13 -20.76 52.58
N HIS B 293 -2.17 -21.74 53.47
CA HIS B 293 -1.14 -21.86 54.48
C HIS B 293 0.21 -22.18 53.85
N GLY B 294 0.25 -23.20 52.99
CA GLY B 294 1.49 -23.58 52.34
C GLY B 294 2.10 -22.42 51.56
N TYR B 295 1.25 -21.73 50.79
CA TYR B 295 1.69 -20.60 49.99
C TYR B 295 2.36 -19.56 50.86
N VAL B 296 1.85 -19.35 52.07
CA VAL B 296 2.43 -18.37 52.98
C VAL B 296 3.74 -18.89 53.56
N THR B 297 3.74 -20.17 53.93
CA THR B 297 4.93 -20.78 54.49
C THR B 297 6.06 -20.57 53.47
N TRP B 298 5.78 -20.97 52.24
CA TRP B 298 6.73 -20.85 51.14
C TRP B 298 7.36 -19.47 51.03
N HIS B 299 6.53 -18.43 50.99
CA HIS B 299 7.05 -17.05 50.90
C HIS B 299 7.96 -16.74 52.09
N LEU B 300 7.54 -17.16 53.28
CA LEU B 300 8.32 -16.91 54.48
C LEU B 300 9.66 -17.65 54.52
N CYS B 301 9.72 -18.83 53.91
CA CYS B 301 10.94 -19.63 53.91
C CYS B 301 11.87 -19.51 52.71
N ASP B 302 11.33 -19.30 51.51
CA ASP B 302 12.18 -19.20 50.32
C ASP B 302 13.00 -17.92 50.33
N ARG B 303 14.30 -18.07 50.10
CA ARG B 303 15.24 -16.95 50.11
C ARG B 303 14.83 -15.87 49.13
N LYS B 304 14.25 -16.22 47.99
CA LYS B 304 13.86 -15.23 46.99
C LYS B 304 13.17 -14.00 47.59
N TYR B 305 12.24 -14.23 48.51
CA TYR B 305 11.50 -13.13 49.11
C TYR B 305 12.20 -12.46 50.29
N ARG B 306 13.35 -13.02 50.67
CA ARG B 306 14.18 -12.49 51.75
C ARG B 306 13.46 -12.03 53.01
N LEU B 307 12.35 -12.66 53.35
CA LEU B 307 11.62 -12.26 54.53
C LEU B 307 12.40 -12.49 55.83
N SER B 308 13.41 -13.35 55.77
CA SER B 308 14.22 -13.64 56.95
C SER B 308 14.80 -12.33 57.48
N GLU B 309 15.20 -11.45 56.57
CA GLU B 309 15.77 -10.17 56.93
C GLU B 309 14.84 -9.41 57.87
N ILE B 310 13.54 -9.38 57.55
CA ILE B 310 12.57 -8.70 58.39
C ILE B 310 12.51 -9.33 59.76
N TYR B 311 12.74 -10.64 59.82
CA TYR B 311 12.72 -11.36 61.09
C TYR B 311 13.88 -10.87 61.95
N GLU B 312 15.09 -10.98 61.39
CA GLU B 312 16.31 -10.56 62.07
C GLU B 312 16.38 -9.04 62.19
N LYS B 313 15.31 -8.45 62.73
CA LYS B 313 15.23 -7.01 62.89
C LYS B 313 13.96 -6.71 63.67
N VAL B 314 13.45 -7.74 64.34
CA VAL B 314 12.24 -7.64 65.16
C VAL B 314 12.23 -8.84 66.08
N LYS B 315 13.20 -9.74 65.87
CA LYS B 315 13.35 -10.96 66.64
C LYS B 315 13.10 -10.72 68.12
N GLU B 316 13.41 -9.51 68.58
CA GLU B 316 13.21 -9.14 69.97
C GLU B 316 12.66 -7.72 70.15
N GLU B 317 11.35 -7.63 70.32
CA GLU B 317 10.66 -6.36 70.53
C GLU B 317 9.36 -6.58 71.29
N LYS B 318 8.85 -5.51 71.92
CA LYS B 318 7.64 -5.60 72.72
C LYS B 318 6.41 -5.36 71.87
N THR B 319 6.53 -5.11 70.58
CA THR B 319 5.39 -4.87 69.71
C THR B 319 4.49 -6.10 69.72
N GLU B 320 3.18 -5.88 69.71
CA GLU B 320 2.25 -7.01 69.71
C GLU B 320 2.31 -7.72 68.36
N ASP B 321 2.43 -6.95 67.29
CA ASP B 321 2.50 -7.51 65.94
C ASP B 321 3.88 -8.09 65.67
N ALA B 322 4.91 -7.25 65.73
CA ALA B 322 6.28 -7.68 65.48
C ALA B 322 6.64 -8.95 66.25
N GLN B 323 5.77 -9.34 67.17
CA GLN B 323 6.02 -10.55 67.95
C GLN B 323 5.14 -11.71 67.47
N LYS B 324 3.87 -11.44 67.22
CA LYS B 324 2.97 -12.47 66.70
C LYS B 324 3.60 -12.89 65.38
N PHE B 325 4.24 -11.92 64.74
CA PHE B 325 4.91 -12.11 63.47
C PHE B 325 5.95 -13.23 63.54
N CYS B 326 6.80 -13.17 64.56
CA CYS B 326 7.83 -14.17 64.75
C CYS B 326 7.24 -15.50 65.16
N LYS B 327 6.25 -15.45 66.06
CA LYS B 327 5.59 -16.69 66.43
C LYS B 327 5.22 -17.51 65.21
N PHE B 328 4.65 -16.77 64.24
CA PHE B 328 4.29 -17.36 62.96
C PHE B 328 5.55 -17.70 62.17
N TYR B 329 6.38 -16.68 61.92
CA TYR B 329 7.61 -16.87 61.18
C TYR B 329 8.30 -18.16 61.61
N GLU B 330 8.65 -18.22 62.89
CA GLU B 330 9.31 -19.39 63.44
C GLU B 330 8.52 -20.63 63.10
N GLN B 331 7.20 -20.56 63.28
CA GLN B 331 6.31 -21.69 62.99
C GLN B 331 6.64 -22.23 61.63
N ALA B 332 6.62 -21.35 60.63
CA ALA B 332 6.92 -21.72 59.27
C ALA B 332 8.26 -22.44 59.19
N ALA B 333 9.31 -21.74 59.60
CA ALA B 333 10.66 -22.28 59.59
C ALA B 333 10.75 -23.74 60.05
N ASN B 334 10.07 -24.07 61.14
CA ASN B 334 10.11 -25.43 61.67
C ASN B 334 9.92 -26.51 60.62
N VAL B 335 8.92 -26.33 59.75
CA VAL B 335 8.66 -27.28 58.69
C VAL B 335 9.06 -26.70 57.34
N GLY B 336 9.32 -25.40 57.32
CA GLY B 336 9.68 -24.74 56.07
C GLY B 336 11.15 -24.67 55.73
N ALA B 337 11.94 -24.14 56.65
CA ALA B 337 13.38 -23.99 56.45
C ALA B 337 14.04 -25.35 56.21
N VAL B 338 14.57 -25.54 55.01
CA VAL B 338 15.21 -26.82 54.65
C VAL B 338 16.39 -26.62 53.71
N SER B 339 17.58 -26.98 54.17
CA SER B 339 18.75 -26.83 53.32
C SER B 339 18.55 -27.59 52.01
N PRO B 340 18.72 -26.90 50.89
CA PRO B 340 18.56 -27.50 49.56
C PRO B 340 19.29 -28.83 49.43
N SER B 341 20.47 -28.91 50.03
CA SER B 341 21.29 -30.12 49.98
C SER B 341 20.53 -31.38 50.38
N GLU B 342 19.41 -31.21 51.07
CA GLU B 342 18.61 -32.35 51.51
C GLU B 342 17.69 -32.87 50.42
N TRP B 343 17.45 -32.08 49.38
CA TRP B 343 16.55 -32.51 48.33
C TRP B 343 16.92 -32.14 46.91
N ALA B 344 17.42 -30.94 46.70
CA ALA B 344 17.76 -30.48 45.36
C ALA B 344 19.11 -30.96 44.87
N TYR B 345 19.17 -32.17 44.34
CA TYR B 345 20.44 -32.71 43.84
C TYR B 345 20.18 -33.90 42.94
N PRO B 346 21.07 -34.13 41.98
CA PRO B 346 22.26 -33.32 41.73
C PRO B 346 21.80 -32.09 40.96
N PRO B 347 22.72 -31.13 40.71
CA PRO B 347 22.27 -29.95 39.97
C PRO B 347 21.91 -30.31 38.52
N VAL B 348 20.95 -29.57 37.96
CA VAL B 348 20.47 -29.82 36.60
C VAL B 348 21.58 -29.91 35.57
N ALA B 349 22.54 -29.01 35.68
CA ALA B 349 23.64 -29.02 34.74
C ALA B 349 24.34 -30.38 34.75
N GLN B 350 24.66 -30.88 35.95
CA GLN B 350 25.35 -32.16 36.06
C GLN B 350 24.60 -33.25 35.31
N LEU B 351 23.27 -33.29 35.48
CA LEU B 351 22.48 -34.29 34.79
C LEU B 351 22.52 -34.05 33.29
N ALA B 352 22.53 -32.78 32.90
CA ALA B 352 22.54 -32.42 31.48
C ALA B 352 23.83 -32.82 30.81
N ASN B 353 24.93 -32.72 31.54
CA ASN B 353 26.24 -33.07 31.00
C ASN B 353 26.42 -34.58 30.80
N VAL B 354 25.90 -35.38 31.72
CA VAL B 354 26.04 -36.83 31.63
C VAL B 354 25.70 -37.31 30.22
MG MG C . 7.32 11.78 -37.62
C1 EDO D . -12.32 19.27 -24.13
O1 EDO D . -10.90 19.41 -24.03
C2 EDO D . -13.03 20.14 -25.18
O2 EDO D . -12.15 20.77 -26.13
C1 EDO E . -3.36 19.60 -39.93
O1 EDO E . -2.02 19.59 -40.46
C2 EDO E . -4.37 18.64 -40.57
O2 EDO E . -3.79 17.56 -41.34
MG MG F . 8.27 -10.52 32.74
C1 EDO G . -1.80 -23.61 22.87
O1 EDO G . -0.75 -22.66 23.15
C2 EDO G . -2.40 -24.33 24.08
O2 EDO G . -1.58 -24.29 25.26
C1 EDO H . 2.71 -19.68 40.00
O1 EDO H . 3.97 -19.77 39.30
C2 EDO H . 2.30 -18.31 40.54
O2 EDO H . 2.66 -18.05 41.91
#